data_6EN1
#
_entry.id   6EN1
#
_cell.length_a   77.740
_cell.length_b   123.880
_cell.length_c   77.750
_cell.angle_alpha   90.000
_cell.angle_beta   118.210
_cell.angle_gamma   90.000
#
_symmetry.space_group_name_H-M   'P 1 21 1'
#
loop_
_entity.id
_entity.type
_entity.pdbx_description
1 polymer 'Int protein'
2 polymer 'DNA (45-MER)'
3 polymer 'DNA (45-MER)'
4 non-polymer DI(HYDROXYETHYL)ETHER
5 water water
#
loop_
_entity_poly.entity_id
_entity_poly.type
_entity_poly.pdbx_seq_one_letter_code
_entity_poly.pdbx_strand_id
1 'polypeptide(L)'
;SMTVCQLYAKQIRHRGNVKHNTKLGRERLMRILEQDRLGSCPIDSVKLSDAKEWALRMKEKGLSYKTINNDKRSLKAAFY
TAIQDDCIRKNPFDFQLSDVLDDDTEPKVPLTPAQEESFLSFIQGDKVYQKHYDAIVILLGTGLKISELCGLTDKDLDFE
NRVIIVSHQLLRNTGVGYYIDEPKTQSGVRKIPMNEEVYQAFQRVIKNRKGAKPFIIDGYANFLFLKQNGYPMTAVDYGG
MFGRLVKKYNKSHEEALPKTTTPHAMRHTFCTRLANAGMNPKALQYIMGHSNITMTLNYYAHATFDSARAEMERLAA
;
A,B
2 'polydeoxyribonucleotide'
;(DT)(DG)(DC)(DG)(DA)(DT)(DA)(DA)(DC)(DC)(DT)(DA)(DA)(DA)(DA)(DT)(DT)(DT)(DT)(DA)
(DT)(DT)(DT)(DT)(DC)(DA)(DA)(DA)(DA)(DT)(DT)(DA)(DT)(DA)(DT)(DG)(DG)(DG)(DA)(DT)
(DT)(DT)(DT)(DA)(DG)
;
C
3 'polydeoxyribonucleotide'
;(DC)(DT)(DA)(DA)(DA)(DA)(DT)(DC)(DC)(DC)(DA)(DT)(DA)(DT)(DA)(DA)(DT)(DT)(DT)(DT)
(DG)(DA)(DA)(DA)(DA)(DT)(DA)(DA)(DA)(DA)(DT)(DT)(DT)(DT)(DA)(DG)(DG)(DT)(DT)(DA)
(DT)(DC)(DG)(DC)(DT)
;
D
#
loop_
_chem_comp.id
_chem_comp.type
_chem_comp.name
_chem_comp.formula
DA DNA linking 2'-DEOXYADENOSINE-5'-MONOPHOSPHATE 'C10 H14 N5 O6 P'
DC DNA linking 2'-DEOXYCYTIDINE-5'-MONOPHOSPHATE 'C9 H14 N3 O7 P'
DG DNA linking 2'-DEOXYGUANOSINE-5'-MONOPHOSPHATE 'C10 H14 N5 O7 P'
DT DNA linking THYMIDINE-5'-MONOPHOSPHATE 'C10 H15 N2 O8 P'
PEG non-polymer DI(HYDROXYETHYL)ETHER 'C4 H10 O3'
#
# COMPACT_ATOMS: atom_id res chain seq x y z
N SER A 1 -3.78 4.07 -37.21
CA SER A 1 -4.27 4.51 -35.89
C SER A 1 -4.76 5.94 -35.92
N MET A 2 -5.57 6.29 -36.93
CA MET A 2 -6.14 7.63 -37.03
C MET A 2 -7.47 7.73 -36.30
N THR A 3 -8.36 6.77 -36.51
CA THR A 3 -9.59 6.71 -35.72
C THR A 3 -9.31 6.05 -34.37
N VAL A 4 -10.23 6.28 -33.42
CA VAL A 4 -10.05 5.74 -32.08
C VAL A 4 -10.06 4.21 -32.12
N CYS A 5 -10.93 3.63 -32.93
CA CYS A 5 -10.94 2.17 -33.08
C CYS A 5 -9.62 1.67 -33.64
N GLN A 6 -9.14 2.31 -34.72
CA GLN A 6 -7.85 1.93 -35.29
C GLN A 6 -6.73 2.09 -34.28
N LEU A 7 -6.81 3.13 -33.43
CA LEU A 7 -5.79 3.31 -32.40
C LEU A 7 -5.85 2.19 -31.37
N TYR A 8 -7.04 1.89 -30.86
CA TYR A 8 -7.16 0.80 -29.89
C TYR A 8 -6.71 -0.51 -30.51
N ALA A 9 -7.07 -0.75 -31.77
CA ALA A 9 -6.62 -1.96 -32.46
C ALA A 9 -5.10 -2.04 -32.49
N LYS A 10 -4.43 -0.88 -32.59
CA LYS A 10 -2.96 -0.87 -32.57
C LYS A 10 -2.43 -1.16 -31.18
N GLN A 11 -3.07 -0.61 -30.14
CA GLN A 11 -2.61 -0.81 -28.77
C GLN A 11 -2.62 -2.28 -28.39
N ILE A 12 -3.62 -3.03 -28.88
CA ILE A 12 -3.74 -4.43 -28.48
C ILE A 12 -2.83 -5.34 -29.31
N ARG A 13 -2.61 -5.00 -30.59
CA ARG A 13 -1.69 -5.80 -31.39
C ARG A 13 -0.26 -5.64 -30.89
N HIS A 14 0.13 -4.42 -30.54
CA HIS A 14 1.49 -4.19 -30.04
C HIS A 14 1.71 -4.86 -28.70
N ARG A 15 0.64 -5.07 -27.93
CA ARG A 15 0.73 -5.67 -26.60
C ARG A 15 -0.08 -6.97 -26.61
N GLY A 16 0.40 -7.97 -27.36
CA GLY A 16 -0.35 -9.18 -27.60
C GLY A 16 -0.18 -10.30 -26.59
N ASN A 17 0.75 -10.18 -25.64
CA ASN A 17 1.04 -11.25 -24.69
C ASN A 17 0.03 -11.20 -23.54
N VAL A 18 -1.19 -11.64 -23.85
CA VAL A 18 -2.30 -11.56 -22.91
C VAL A 18 -3.01 -12.91 -22.84
N LYS A 19 -3.64 -13.17 -21.70
CA LYS A 19 -4.41 -14.38 -21.49
C LYS A 19 -5.72 -14.31 -22.28
N HIS A 20 -6.40 -15.46 -22.33
CA HIS A 20 -7.61 -15.58 -23.14
C HIS A 20 -8.71 -14.64 -22.64
N ASN A 21 -8.85 -14.52 -21.32
CA ASN A 21 -9.88 -13.63 -20.77
C ASN A 21 -9.60 -12.17 -21.12
N THR A 22 -8.32 -11.79 -21.18
CA THR A 22 -7.98 -10.45 -21.65
C THR A 22 -8.39 -10.25 -23.10
N LYS A 23 -8.16 -11.24 -23.96
CA LYS A 23 -8.58 -11.10 -25.35
C LYS A 23 -10.09 -10.91 -25.44
N LEU A 24 -10.84 -11.65 -24.62
CA LEU A 24 -12.28 -11.46 -24.57
C LEU A 24 -12.64 -10.05 -24.13
N GLY A 25 -12.03 -9.58 -23.03
CA GLY A 25 -12.33 -8.24 -22.54
C GLY A 25 -12.04 -7.15 -23.54
N ARG A 26 -10.85 -7.17 -24.15
CA ARG A 26 -10.53 -6.19 -25.17
C ARG A 26 -11.56 -6.22 -26.29
N GLU A 27 -11.98 -7.42 -26.69
CA GLU A 27 -13.00 -7.53 -27.73
C GLU A 27 -14.28 -6.82 -27.33
N ARG A 28 -14.67 -6.94 -26.06
CA ARG A 28 -15.87 -6.27 -25.56
C ARG A 28 -15.74 -4.75 -25.70
N LEU A 29 -14.59 -4.20 -25.31
CA LEU A 29 -14.39 -2.76 -25.46
C LEU A 29 -14.40 -2.35 -26.91
N MET A 30 -13.83 -3.20 -27.78
CA MET A 30 -13.83 -2.89 -29.21
C MET A 30 -15.25 -2.77 -29.75
N ARG A 31 -16.15 -3.65 -29.31
CA ARG A 31 -17.55 -3.55 -29.72
C ARG A 31 -18.14 -2.21 -29.32
N ILE A 32 -17.85 -1.76 -28.09
CA ILE A 32 -18.34 -0.47 -27.61
C ILE A 32 -17.86 0.66 -28.53
N LEU A 33 -16.56 0.69 -28.81
CA LEU A 33 -16.03 1.73 -29.69
C LEU A 33 -16.70 1.70 -31.05
N GLU A 34 -16.87 0.52 -31.63
CA GLU A 34 -17.49 0.42 -32.95
C GLU A 34 -18.95 0.86 -32.92
N GLN A 35 -19.64 0.69 -31.80
CA GLN A 35 -21.03 1.09 -31.69
C GLN A 35 -21.19 2.54 -31.23
N ASP A 36 -20.18 3.12 -30.59
CA ASP A 36 -20.24 4.46 -30.05
C ASP A 36 -19.75 5.47 -31.08
N ARG A 37 -20.29 6.69 -31.00
CA ARG A 37 -19.84 7.76 -31.89
C ARG A 37 -18.33 7.97 -31.79
N LEU A 38 -17.75 7.79 -30.58
CA LEU A 38 -16.34 8.09 -30.35
C LEU A 38 -15.41 7.22 -31.17
N GLY A 39 -15.86 6.03 -31.59
CA GLY A 39 -14.98 5.15 -32.33
C GLY A 39 -14.55 5.69 -33.67
N SER A 40 -15.34 6.61 -34.24
CA SER A 40 -15.10 7.15 -35.57
C SER A 40 -14.24 8.40 -35.57
N CYS A 41 -14.04 9.04 -34.42
CA CYS A 41 -13.35 10.32 -34.40
C CYS A 41 -11.87 10.14 -34.71
N PRO A 42 -11.28 11.05 -35.47
CA PRO A 42 -9.81 11.09 -35.56
C PRO A 42 -9.19 11.46 -34.22
N ILE A 43 -8.11 10.76 -33.87
CA ILE A 43 -7.53 10.93 -32.53
C ILE A 43 -7.06 12.36 -32.32
N ASP A 44 -6.62 13.04 -33.37
CA ASP A 44 -6.16 14.42 -33.22
C ASP A 44 -7.30 15.41 -32.97
N SER A 45 -8.55 14.93 -32.90
CA SER A 45 -9.70 15.79 -32.67
C SER A 45 -10.46 15.44 -31.39
N VAL A 46 -9.96 14.52 -30.59
CA VAL A 46 -10.64 14.09 -29.38
C VAL A 46 -10.22 15.01 -28.24
N LYS A 47 -11.12 15.88 -27.82
CA LYS A 47 -10.86 16.82 -26.73
C LYS A 47 -11.27 16.19 -25.39
N LEU A 48 -10.72 16.75 -24.32
CA LEU A 48 -11.09 16.31 -22.98
C LEU A 48 -12.60 16.31 -22.80
N SER A 49 -13.28 17.31 -23.35
CA SER A 49 -14.74 17.35 -23.27
C SER A 49 -15.36 16.12 -23.93
N ASP A 50 -14.78 15.66 -25.04
CA ASP A 50 -15.33 14.51 -25.74
C ASP A 50 -15.28 13.26 -24.86
N ALA A 51 -14.11 12.97 -24.27
CA ALA A 51 -13.98 11.77 -23.45
C ALA A 51 -15.00 11.76 -22.32
N LYS A 52 -15.19 12.89 -21.64
CA LYS A 52 -16.18 12.94 -20.58
C LYS A 52 -17.57 12.57 -21.09
N GLU A 53 -17.93 13.09 -22.27
CA GLU A 53 -19.24 12.76 -22.83
C GLU A 53 -19.36 11.27 -23.13
N TRP A 54 -18.27 10.65 -23.58
CA TRP A 54 -18.27 9.20 -23.78
C TRP A 54 -18.71 8.47 -22.51
N ALA A 55 -18.15 8.86 -21.36
CA ALA A 55 -18.53 8.21 -20.12
C ALA A 55 -20.03 8.38 -19.83
N LEU A 56 -20.56 9.58 -20.05
CA LEU A 56 -22.00 9.79 -19.87
C LEU A 56 -22.80 8.82 -20.71
N ARG A 57 -22.42 8.65 -21.97
CA ARG A 57 -23.13 7.72 -22.84
C ARG A 57 -23.04 6.29 -22.30
N MET A 58 -21.84 5.86 -21.91
CA MET A 58 -21.68 4.54 -21.32
C MET A 58 -22.62 4.35 -20.14
N LYS A 59 -22.67 5.33 -19.23
CA LYS A 59 -23.58 5.22 -18.10
C LYS A 59 -25.04 5.31 -18.56
N GLU A 60 -25.30 6.06 -19.63
CA GLU A 60 -26.65 6.10 -20.17
C GLU A 60 -27.02 4.78 -20.79
N LYS A 61 -26.03 4.10 -21.39
CA LYS A 61 -26.25 2.78 -21.96
C LYS A 61 -26.57 1.74 -20.90
N GLY A 62 -26.22 2.01 -19.64
CA GLY A 62 -26.46 1.07 -18.55
C GLY A 62 -25.23 0.38 -18.01
N LEU A 63 -24.04 0.69 -18.52
CA LEU A 63 -22.82 0.07 -18.01
C LEU A 63 -22.49 0.62 -16.62
N SER A 64 -22.03 -0.28 -15.75
CA SER A 64 -21.78 0.09 -14.37
C SER A 64 -20.61 1.07 -14.28
N TYR A 65 -20.39 1.60 -13.07
CA TYR A 65 -19.31 2.55 -12.88
C TYR A 65 -17.95 1.90 -13.12
N LYS A 66 -17.69 0.77 -12.47
CA LYS A 66 -16.39 0.12 -12.60
C LYS A 66 -16.08 -0.22 -14.05
N THR A 67 -17.05 -0.78 -14.77
CA THR A 67 -16.84 -1.03 -16.19
C THR A 67 -16.32 0.21 -16.89
N ILE A 68 -17.05 1.33 -16.78
CA ILE A 68 -16.67 2.53 -17.50
C ILE A 68 -15.28 2.99 -17.06
N ASN A 69 -15.00 2.94 -15.76
CA ASN A 69 -13.68 3.32 -15.30
C ASN A 69 -12.60 2.39 -15.83
N ASN A 70 -12.86 1.08 -15.82
CA ASN A 70 -11.90 0.15 -16.41
C ASN A 70 -11.66 0.47 -17.88
N ASP A 71 -12.72 0.67 -18.66
CA ASP A 71 -12.53 0.96 -20.08
C ASP A 71 -11.83 2.31 -20.27
N LYS A 72 -12.18 3.31 -19.46
CA LYS A 72 -11.47 4.58 -19.53
C LYS A 72 -9.97 4.38 -19.37
N ARG A 73 -9.55 3.54 -18.43
CA ARG A 73 -8.13 3.26 -18.27
C ARG A 73 -7.53 2.64 -19.53
N SER A 74 -8.28 1.73 -20.18
CA SER A 74 -7.81 1.16 -21.44
C SER A 74 -7.59 2.24 -22.49
N LEU A 75 -8.61 3.07 -22.75
CA LEU A 75 -8.47 4.12 -23.74
C LEU A 75 -7.32 5.06 -23.39
N LYS A 76 -7.20 5.43 -22.11
CA LYS A 76 -6.12 6.33 -21.71
C LYS A 76 -4.76 5.76 -22.07
N ALA A 77 -4.52 4.49 -21.74
CA ALA A 77 -3.26 3.85 -22.11
C ALA A 77 -3.03 3.92 -23.61
N ALA A 78 -4.09 3.74 -24.40
CA ALA A 78 -3.93 3.80 -25.85
C ALA A 78 -3.51 5.19 -26.31
N PHE A 79 -4.03 6.24 -25.67
CA PHE A 79 -3.67 7.58 -26.09
C PHE A 79 -2.27 7.96 -25.62
N TYR A 80 -1.80 7.39 -24.51
CA TYR A 80 -0.41 7.59 -24.13
C TYR A 80 0.53 6.99 -25.17
N THR A 81 0.12 5.91 -25.82
CA THR A 81 0.91 5.36 -26.94
C THR A 81 0.94 6.34 -28.10
N ALA A 82 -0.20 6.96 -28.42
CA ALA A 82 -0.23 7.94 -29.50
C ALA A 82 0.54 9.21 -29.13
N ILE A 83 0.54 9.60 -27.84
CA ILE A 83 1.31 10.76 -27.43
C ILE A 83 2.80 10.47 -27.47
N GLN A 84 3.19 9.21 -27.23
CA GLN A 84 4.59 8.81 -27.34
C GLN A 84 5.04 8.60 -28.77
N ASP A 85 4.10 8.52 -29.72
CA ASP A 85 4.42 8.41 -31.14
C ASP A 85 4.23 9.71 -31.89
N ASP A 86 4.00 10.82 -31.18
CA ASP A 86 3.88 12.14 -31.78
C ASP A 86 2.67 12.23 -32.72
N CYS A 87 1.54 11.74 -32.24
CA CYS A 87 0.27 11.89 -32.95
C CYS A 87 -0.65 12.91 -32.31
N ILE A 88 -0.60 13.06 -30.98
CA ILE A 88 -1.40 14.03 -30.26
C ILE A 88 -0.53 14.67 -29.18
N ARG A 89 -1.08 15.68 -28.51
CA ARG A 89 -0.34 16.42 -27.49
C ARG A 89 -0.70 15.95 -26.09
N LYS A 90 -1.91 16.27 -25.64
CA LYS A 90 -2.36 15.90 -24.31
C LYS A 90 -3.32 14.72 -24.38
N ASN A 91 -3.36 13.96 -23.29
CA ASN A 91 -4.21 12.78 -23.22
C ASN A 91 -5.64 13.16 -22.84
N PRO A 92 -6.61 13.04 -23.76
CA PRO A 92 -7.98 13.49 -23.47
C PRO A 92 -8.69 12.67 -22.40
N PHE A 93 -8.11 11.58 -21.92
CA PHE A 93 -8.72 10.75 -20.89
C PHE A 93 -8.08 10.92 -19.54
N ASP A 94 -7.29 12.00 -19.36
CA ASP A 94 -6.66 12.30 -18.07
C ASP A 94 -7.61 13.18 -17.27
N PHE A 95 -8.57 12.52 -16.62
CA PHE A 95 -9.54 13.20 -15.77
C PHE A 95 -10.11 12.17 -14.80
N GLN A 96 -10.62 12.67 -13.67
CA GLN A 96 -11.19 11.81 -12.65
C GLN A 96 -12.64 11.50 -12.98
N LEU A 97 -12.96 10.22 -13.16
CA LEU A 97 -14.32 9.84 -13.51
C LEU A 97 -15.33 10.24 -12.44
N SER A 98 -14.87 10.47 -11.21
CA SER A 98 -15.77 10.93 -10.15
C SER A 98 -16.47 12.23 -10.51
N ASP A 99 -15.79 13.11 -11.25
CA ASP A 99 -16.34 14.43 -11.54
C ASP A 99 -17.44 14.37 -12.60
N VAL A 100 -17.54 13.28 -13.36
CA VAL A 100 -18.57 13.15 -14.38
C VAL A 100 -19.70 12.25 -13.92
N LEU A 101 -19.39 11.17 -13.20
CA LEU A 101 -20.37 10.18 -12.78
C LEU A 101 -20.24 9.92 -11.30
N ASP A 102 -21.35 9.51 -10.68
CA ASP A 102 -21.35 9.06 -9.31
C ASP A 102 -21.16 7.55 -9.27
N ASP A 103 -20.43 7.07 -8.26
CA ASP A 103 -20.14 5.65 -8.11
C ASP A 103 -21.25 5.01 -7.29
N ASP A 104 -22.23 4.42 -7.98
CA ASP A 104 -23.33 3.69 -7.35
C ASP A 104 -23.03 2.20 -7.21
N THR A 105 -21.75 1.82 -7.16
CA THR A 105 -21.40 0.43 -6.92
C THR A 105 -21.98 -0.03 -5.59
N GLU A 106 -22.85 -1.04 -5.64
CA GLU A 106 -23.43 -1.57 -4.42
C GLU A 106 -22.38 -2.35 -3.64
N PRO A 107 -22.09 -1.98 -2.39
CA PRO A 107 -21.04 -2.69 -1.65
C PRO A 107 -21.41 -4.15 -1.43
N LYS A 108 -20.37 -5.00 -1.43
CA LYS A 108 -20.53 -6.44 -1.27
C LYS A 108 -20.42 -6.77 0.22
N VAL A 109 -21.56 -6.90 0.89
CA VAL A 109 -21.59 -7.10 2.34
C VAL A 109 -21.45 -8.59 2.64
N PRO A 110 -20.51 -8.98 3.50
CA PRO A 110 -20.23 -10.41 3.73
C PRO A 110 -21.26 -11.04 4.67
N LEU A 111 -21.10 -12.34 4.88
CA LEU A 111 -22.04 -13.11 5.68
C LEU A 111 -21.75 -12.97 7.16
N THR A 112 -22.79 -12.72 7.96
CA THR A 112 -22.60 -12.73 9.39
C THR A 112 -22.51 -14.18 9.89
N PRO A 113 -21.81 -14.42 11.00
CA PRO A 113 -21.72 -15.79 11.52
C PRO A 113 -23.06 -16.48 11.59
N ALA A 114 -24.12 -15.75 11.96
CA ALA A 114 -25.44 -16.35 12.03
C ALA A 114 -25.95 -16.74 10.65
N GLN A 115 -25.73 -15.89 9.64
CA GLN A 115 -26.10 -16.25 8.28
C GLN A 115 -25.34 -17.48 7.81
N GLU A 116 -24.02 -17.48 8.02
CA GLU A 116 -23.19 -18.61 7.57
C GLU A 116 -23.69 -19.92 8.16
N GLU A 117 -23.94 -19.95 9.47
CA GLU A 117 -24.44 -21.18 10.09
C GLU A 117 -25.79 -21.58 9.51
N SER A 118 -26.61 -20.61 9.12
CA SER A 118 -27.90 -20.90 8.51
C SER A 118 -27.73 -21.38 7.07
N PHE A 119 -26.93 -20.67 6.30
CA PHE A 119 -26.68 -21.04 4.90
C PHE A 119 -26.14 -22.47 4.79
N LEU A 120 -25.16 -22.82 5.62
CA LEU A 120 -24.61 -24.17 5.60
C LEU A 120 -25.66 -25.19 6.03
N SER A 121 -26.39 -24.90 7.11
CA SER A 121 -27.42 -25.81 7.58
C SER A 121 -28.39 -26.17 6.47
N PHE A 122 -28.80 -25.17 5.68
CA PHE A 122 -29.73 -25.42 4.58
C PHE A 122 -29.11 -26.31 3.52
N ILE A 123 -27.84 -26.05 3.18
CA ILE A 123 -27.16 -26.82 2.13
C ILE A 123 -27.05 -28.29 2.54
N GLN A 124 -26.61 -28.54 3.78
CA GLN A 124 -26.45 -29.93 4.23
C GLN A 124 -27.77 -30.69 4.18
N GLY A 125 -28.89 -30.00 4.44
CA GLY A 125 -30.17 -30.66 4.48
C GLY A 125 -30.88 -30.74 3.14
N ASP A 126 -30.55 -29.84 2.23
CA ASP A 126 -31.23 -29.80 0.94
C ASP A 126 -30.86 -31.02 0.12
N LYS A 127 -31.88 -31.69 -0.43
CA LYS A 127 -31.66 -32.89 -1.22
C LYS A 127 -30.90 -32.60 -2.51
N VAL A 128 -30.99 -31.39 -3.04
CA VAL A 128 -30.42 -31.09 -4.35
C VAL A 128 -29.00 -30.53 -4.23
N TYR A 129 -28.74 -29.69 -3.25
CA TYR A 129 -27.48 -28.97 -3.16
C TYR A 129 -26.54 -29.52 -2.09
N GLN A 130 -26.94 -30.56 -1.37
CA GLN A 130 -26.05 -31.11 -0.35
C GLN A 130 -24.72 -31.57 -0.94
N LYS A 131 -24.72 -32.06 -2.18
CA LYS A 131 -23.47 -32.53 -2.76
C LYS A 131 -22.43 -31.42 -2.85
N HIS A 132 -22.87 -30.16 -2.90
CA HIS A 132 -21.96 -29.03 -2.93
C HIS A 132 -21.62 -28.50 -1.55
N TYR A 133 -22.15 -29.15 -0.50
CA TYR A 133 -21.85 -28.72 0.87
C TYR A 133 -20.34 -28.70 1.13
N ASP A 134 -19.63 -29.70 0.62
CA ASP A 134 -18.19 -29.81 0.90
C ASP A 134 -17.41 -28.68 0.23
N ALA A 135 -17.73 -28.37 -1.03
CA ALA A 135 -17.01 -27.30 -1.71
C ALA A 135 -17.20 -25.97 -1.00
N ILE A 136 -18.38 -25.73 -0.45
CA ILE A 136 -18.66 -24.44 0.18
C ILE A 136 -17.95 -24.34 1.52
N VAL A 137 -17.90 -25.44 2.26
CA VAL A 137 -17.13 -25.45 3.50
C VAL A 137 -15.67 -25.11 3.23
N ILE A 138 -15.10 -25.70 2.19
CA ILE A 138 -13.70 -25.44 1.85
C ILE A 138 -13.53 -23.98 1.44
N LEU A 139 -14.45 -23.46 0.63
CA LEU A 139 -14.39 -22.05 0.26
C LEU A 139 -14.35 -21.16 1.50
N LEU A 140 -15.22 -21.43 2.46
CA LEU A 140 -15.31 -20.61 3.67
C LEU A 140 -14.14 -20.84 4.62
N GLY A 141 -13.49 -21.99 4.57
CA GLY A 141 -12.41 -22.29 5.47
C GLY A 141 -11.03 -22.03 4.93
N THR A 142 -10.91 -21.57 3.68
CA THR A 142 -9.61 -21.41 3.04
C THR A 142 -9.47 -20.12 2.26
N GLY A 143 -10.57 -19.48 1.84
CA GLY A 143 -10.48 -18.28 1.03
C GLY A 143 -10.09 -18.51 -0.41
N LEU A 144 -10.07 -19.77 -0.86
CA LEU A 144 -9.71 -20.06 -2.24
C LEU A 144 -10.67 -19.37 -3.19
N LYS A 145 -10.10 -18.76 -4.23
CA LYS A 145 -10.91 -18.31 -5.34
C LYS A 145 -11.49 -19.54 -6.06
N ILE A 146 -12.47 -19.29 -6.94
CA ILE A 146 -13.25 -20.40 -7.46
C ILE A 146 -12.44 -21.22 -8.47
N SER A 147 -11.70 -20.54 -9.35
CA SER A 147 -10.91 -21.28 -10.32
C SER A 147 -9.67 -21.93 -9.70
N GLU A 148 -9.28 -21.53 -8.49
CA GLU A 148 -8.24 -22.27 -7.78
C GLU A 148 -8.81 -23.54 -7.17
N LEU A 149 -10.06 -23.50 -6.72
CA LEU A 149 -10.70 -24.70 -6.19
C LEU A 149 -10.88 -25.73 -7.30
N CYS A 150 -11.38 -25.29 -8.45
CA CYS A 150 -11.59 -26.19 -9.57
C CYS A 150 -10.30 -26.83 -10.03
N GLY A 151 -9.16 -26.20 -9.77
CA GLY A 151 -7.87 -26.70 -10.19
C GLY A 151 -7.25 -27.71 -9.26
N LEU A 152 -7.85 -27.94 -8.10
CA LEU A 152 -7.25 -28.82 -7.10
C LEU A 152 -7.26 -30.26 -7.58
N THR A 153 -6.11 -30.93 -7.48
CA THR A 153 -5.97 -32.34 -7.82
C THR A 153 -5.33 -33.07 -6.65
N ASP A 154 -5.35 -34.41 -6.73
CA ASP A 154 -4.76 -35.21 -5.66
C ASP A 154 -3.32 -34.80 -5.36
N LYS A 155 -2.57 -34.41 -6.40
CA LYS A 155 -1.18 -34.00 -6.21
C LYS A 155 -1.06 -32.67 -5.48
N ASP A 156 -2.16 -31.96 -5.24
CA ASP A 156 -2.11 -30.66 -4.59
C ASP A 156 -2.48 -30.71 -3.11
N LEU A 157 -3.02 -31.81 -2.63
CA LEU A 157 -3.37 -31.97 -1.22
C LEU A 157 -2.29 -32.76 -0.51
N ASP A 158 -2.12 -32.47 0.79
CA ASP A 158 -1.12 -33.13 1.62
C ASP A 158 -1.78 -33.42 2.98
N PHE A 159 -2.49 -34.55 3.04
CA PHE A 159 -3.26 -34.88 4.24
C PHE A 159 -2.38 -35.20 5.43
N GLU A 160 -1.09 -35.50 5.21
CA GLU A 160 -0.19 -35.70 6.34
C GLU A 160 0.01 -34.39 7.10
N ASN A 161 0.54 -33.38 6.42
CA ASN A 161 0.72 -32.07 7.01
C ASN A 161 -0.55 -31.22 6.99
N ARG A 162 -1.60 -31.69 6.30
CA ARG A 162 -2.89 -30.99 6.24
C ARG A 162 -2.72 -29.60 5.60
N VAL A 163 -2.19 -29.59 4.39
CA VAL A 163 -1.87 -28.36 3.68
C VAL A 163 -2.46 -28.43 2.28
N ILE A 164 -2.97 -27.30 1.81
CA ILE A 164 -3.38 -27.13 0.41
C ILE A 164 -2.25 -26.41 -0.31
N ILE A 165 -1.90 -26.89 -1.50
CA ILE A 165 -0.82 -26.30 -2.29
C ILE A 165 -1.47 -25.65 -3.50
N VAL A 166 -1.73 -24.35 -3.40
CA VAL A 166 -2.29 -23.57 -4.49
C VAL A 166 -1.14 -23.16 -5.41
N SER A 167 -1.16 -23.67 -6.64
CA SER A 167 -0.09 -23.37 -7.58
C SER A 167 -0.59 -23.08 -8.99
N HIS A 168 -1.90 -23.08 -9.22
CA HIS A 168 -2.45 -22.95 -10.55
C HIS A 168 -3.95 -22.76 -10.40
N GLN A 169 -4.60 -22.39 -11.50
CA GLN A 169 -6.06 -22.41 -11.57
C GLN A 169 -6.48 -23.16 -12.83
N LEU A 170 -7.67 -23.75 -12.78
CA LEU A 170 -8.29 -24.40 -13.93
C LEU A 170 -9.39 -23.49 -14.46
N LEU A 171 -9.26 -23.06 -15.71
CA LEU A 171 -10.21 -22.18 -16.34
C LEU A 171 -10.85 -22.89 -17.53
N ARG A 172 -11.95 -22.32 -18.03
CA ARG A 172 -12.61 -22.85 -19.21
C ARG A 172 -13.27 -21.71 -19.96
N ASN A 173 -13.24 -21.79 -21.29
CA ASN A 173 -13.84 -20.77 -22.12
C ASN A 173 -14.38 -21.39 -23.41
N THR A 174 -15.33 -20.70 -24.02
CA THR A 174 -15.91 -21.17 -25.26
C THR A 174 -14.84 -21.34 -26.32
N GLY A 175 -14.92 -22.45 -27.06
CA GLY A 175 -13.96 -22.75 -28.10
C GLY A 175 -12.71 -23.42 -27.55
N VAL A 176 -11.87 -22.64 -26.87
CA VAL A 176 -10.60 -23.13 -26.35
C VAL A 176 -10.80 -24.28 -25.36
N GLY A 177 -11.97 -24.36 -24.73
CA GLY A 177 -12.14 -25.38 -23.70
C GLY A 177 -11.29 -25.05 -22.47
N TYR A 178 -10.98 -26.10 -21.70
CA TYR A 178 -10.17 -25.94 -20.50
C TYR A 178 -8.74 -25.56 -20.84
N TYR A 179 -8.08 -24.95 -19.85
CA TYR A 179 -6.65 -24.69 -19.86
C TYR A 179 -6.26 -24.31 -18.44
N ILE A 180 -4.95 -24.33 -18.19
CA ILE A 180 -4.39 -24.08 -16.86
C ILE A 180 -3.56 -22.80 -16.91
N ASP A 181 -3.79 -21.91 -15.96
CA ASP A 181 -2.97 -20.72 -15.79
C ASP A 181 -2.20 -20.85 -14.49
N GLU A 182 -0.87 -20.75 -14.59
CA GLU A 182 0.05 -20.76 -13.47
C GLU A 182 0.69 -19.39 -13.34
N PRO A 183 1.22 -19.05 -12.16
CA PRO A 183 1.99 -17.82 -12.03
C PRO A 183 3.39 -17.95 -12.60
N LYS A 184 3.88 -16.84 -13.17
CA LYS A 184 5.22 -16.83 -13.73
C LYS A 184 6.26 -17.08 -12.65
N THR A 185 6.23 -16.28 -11.58
CA THR A 185 7.13 -16.45 -10.45
C THR A 185 6.49 -17.32 -9.38
N GLN A 186 7.34 -17.83 -8.48
CA GLN A 186 6.87 -18.62 -7.35
C GLN A 186 6.29 -17.75 -6.24
N SER A 187 5.89 -16.52 -6.55
CA SER A 187 5.23 -15.65 -5.59
C SER A 187 3.72 -15.86 -5.54
N GLY A 188 3.13 -16.30 -6.65
CA GLY A 188 1.71 -16.62 -6.66
C GLY A 188 1.35 -17.95 -6.03
N VAL A 189 2.33 -18.84 -5.87
CA VAL A 189 2.10 -20.13 -5.23
C VAL A 189 2.15 -19.96 -3.72
N ARG A 190 1.11 -20.44 -3.04
CA ARG A 190 1.01 -20.33 -1.59
C ARG A 190 0.42 -21.61 -1.02
N LYS A 191 0.54 -21.78 0.29
CA LYS A 191 0.09 -23.00 0.96
C LYS A 191 -0.85 -22.63 2.09
N ILE A 192 -2.00 -23.31 2.13
CA ILE A 192 -3.09 -22.99 3.01
C ILE A 192 -3.31 -24.18 3.95
N PRO A 193 -3.34 -23.98 5.26
CA PRO A 193 -3.60 -25.09 6.17
C PRO A 193 -5.07 -25.48 6.18
N MET A 194 -5.33 -26.70 6.63
CA MET A 194 -6.68 -27.24 6.72
C MET A 194 -7.11 -27.29 8.17
N ASN A 195 -8.21 -26.61 8.49
CA ASN A 195 -8.83 -26.83 9.79
C ASN A 195 -9.60 -28.15 9.77
N GLU A 196 -10.03 -28.58 10.96
CA GLU A 196 -10.73 -29.86 11.07
C GLU A 196 -11.88 -29.95 10.09
N GLU A 197 -12.73 -28.93 10.05
CA GLU A 197 -13.87 -28.96 9.14
C GLU A 197 -13.42 -29.10 7.69
N VAL A 198 -12.40 -28.35 7.28
CA VAL A 198 -11.94 -28.40 5.90
C VAL A 198 -11.30 -29.75 5.59
N TYR A 199 -10.35 -30.19 6.42
CA TYR A 199 -9.74 -31.49 6.22
C TYR A 199 -10.78 -32.60 6.23
N GLN A 200 -11.79 -32.48 7.08
CA GLN A 200 -12.87 -33.47 7.08
C GLN A 200 -13.65 -33.43 5.77
N ALA A 201 -13.78 -32.25 5.16
CA ALA A 201 -14.55 -32.13 3.92
C ALA A 201 -13.78 -32.61 2.70
N PHE A 202 -12.45 -32.53 2.72
CA PHE A 202 -11.67 -33.07 1.60
C PHE A 202 -11.75 -34.59 1.58
N GLN A 203 -11.72 -35.22 2.76
CA GLN A 203 -11.85 -36.68 2.80
C GLN A 203 -13.16 -37.13 2.16
N ARG A 204 -14.25 -36.42 2.42
CA ARG A 204 -15.53 -36.77 1.82
C ARG A 204 -15.50 -36.55 0.31
N VAL A 205 -14.85 -35.49 -0.15
CA VAL A 205 -14.80 -35.19 -1.58
C VAL A 205 -14.07 -36.29 -2.34
N ILE A 206 -13.05 -36.89 -1.72
CA ILE A 206 -12.25 -37.91 -2.41
C ILE A 206 -12.94 -39.27 -2.34
N LYS A 207 -13.64 -39.56 -1.25
CA LYS A 207 -14.34 -40.84 -1.16
C LYS A 207 -15.54 -40.89 -2.09
N ASN A 208 -16.18 -39.75 -2.34
CA ASN A 208 -17.38 -39.69 -3.15
C ASN A 208 -17.10 -39.42 -4.62
N ARG A 209 -15.85 -39.21 -5.01
CA ARG A 209 -15.54 -38.97 -6.41
C ARG A 209 -15.99 -40.16 -7.25
N LYS A 210 -16.72 -39.87 -8.33
CA LYS A 210 -17.31 -40.92 -9.14
C LYS A 210 -17.48 -40.46 -10.57
N GLY A 211 -17.17 -41.35 -11.52
CA GLY A 211 -17.51 -41.14 -12.91
C GLY A 211 -16.57 -40.26 -13.70
N ALA A 212 -15.31 -40.13 -13.28
CA ALA A 212 -14.39 -39.25 -13.96
C ALA A 212 -14.06 -39.78 -15.36
N LYS A 213 -14.07 -38.90 -16.33
CA LYS A 213 -13.66 -39.29 -17.66
C LYS A 213 -12.17 -39.03 -17.86
N PRO A 214 -11.52 -39.70 -18.80
CA PRO A 214 -10.12 -39.42 -19.08
C PRO A 214 -9.92 -37.95 -19.40
N PHE A 215 -9.02 -37.31 -18.65
CA PHE A 215 -8.84 -35.87 -18.73
C PHE A 215 -7.48 -35.51 -18.17
N ILE A 216 -6.62 -34.94 -19.00
CA ILE A 216 -5.38 -34.34 -18.53
C ILE A 216 -5.08 -33.12 -19.40
N ILE A 217 -4.70 -32.02 -18.76
CA ILE A 217 -4.47 -30.75 -19.46
C ILE A 217 -3.26 -30.08 -18.83
N ASP A 218 -2.29 -29.71 -19.67
CA ASP A 218 -1.05 -29.04 -19.24
C ASP A 218 -0.37 -29.82 -18.12
N GLY A 219 -0.55 -31.14 -18.10
CA GLY A 219 0.06 -32.00 -17.11
C GLY A 219 -0.77 -32.28 -15.88
N TYR A 220 -1.96 -31.67 -15.75
CA TYR A 220 -2.79 -31.82 -14.58
C TYR A 220 -3.93 -32.80 -14.85
N ALA A 221 -4.17 -33.70 -13.90
CA ALA A 221 -5.25 -34.68 -14.01
C ALA A 221 -5.70 -35.05 -12.60
N ASN A 222 -6.82 -35.76 -12.54
CA ASN A 222 -7.41 -36.22 -11.28
C ASN A 222 -7.85 -35.03 -10.42
N PHE A 223 -8.86 -34.34 -10.94
CA PHE A 223 -9.42 -33.17 -10.27
C PHE A 223 -10.46 -33.58 -9.24
N LEU A 224 -10.46 -32.90 -8.10
CA LEU A 224 -11.36 -33.26 -7.01
C LEU A 224 -12.82 -33.05 -7.40
N PHE A 225 -13.12 -31.93 -8.03
CA PHE A 225 -14.50 -31.46 -8.19
C PHE A 225 -14.93 -31.60 -9.65
N LEU A 226 -16.03 -32.31 -9.87
CA LEU A 226 -16.45 -32.71 -11.21
C LEU A 226 -17.93 -32.42 -11.44
N LYS A 227 -18.25 -32.06 -12.68
CA LYS A 227 -19.63 -32.00 -13.11
C LYS A 227 -20.21 -33.41 -13.25
N GLN A 228 -21.54 -33.48 -13.30
CA GLN A 228 -22.18 -34.77 -13.56
C GLN A 228 -21.69 -35.40 -14.85
N ASN A 229 -21.20 -34.59 -15.79
CA ASN A 229 -20.79 -35.08 -17.10
C ASN A 229 -19.37 -35.68 -17.09
N GLY A 230 -18.75 -35.81 -15.90
CA GLY A 230 -17.47 -36.44 -15.77
C GLY A 230 -16.27 -35.52 -15.91
N TYR A 231 -16.46 -34.28 -16.29
CA TYR A 231 -15.38 -33.32 -16.42
C TYR A 231 -15.40 -32.34 -15.25
N PRO A 232 -14.29 -31.65 -15.01
CA PRO A 232 -14.19 -30.81 -13.80
C PRO A 232 -15.08 -29.58 -13.85
N MET A 233 -15.45 -29.12 -12.66
CA MET A 233 -16.23 -27.89 -12.51
C MET A 233 -15.45 -26.67 -12.98
N THR A 234 -16.17 -25.69 -13.52
CA THR A 234 -15.61 -24.40 -13.86
C THR A 234 -16.26 -23.31 -13.03
N ALA A 235 -15.62 -22.14 -13.04
CA ALA A 235 -16.17 -20.98 -12.34
C ALA A 235 -17.63 -20.74 -12.69
N VAL A 236 -17.95 -20.76 -13.98
CA VAL A 236 -19.32 -20.54 -14.45
C VAL A 236 -20.28 -21.54 -13.79
N ASP A 237 -19.88 -22.81 -13.73
CA ASP A 237 -20.78 -23.84 -13.19
C ASP A 237 -21.11 -23.58 -11.73
N TYR A 238 -20.12 -23.19 -10.93
CA TYR A 238 -20.38 -22.83 -9.54
C TYR A 238 -21.17 -21.54 -9.43
N GLY A 239 -20.99 -20.61 -10.37
CA GLY A 239 -21.75 -19.38 -10.33
C GLY A 239 -23.22 -19.65 -10.50
N GLY A 240 -23.58 -20.29 -11.61
CA GLY A 240 -24.98 -20.67 -11.82
C GLY A 240 -25.53 -21.51 -10.69
N MET A 241 -24.73 -22.43 -10.17
CA MET A 241 -25.19 -23.25 -9.05
C MET A 241 -25.48 -22.40 -7.82
N PHE A 242 -24.59 -21.46 -7.51
CA PHE A 242 -24.82 -20.55 -6.39
C PHE A 242 -26.09 -19.72 -6.62
N GLY A 243 -26.31 -19.29 -7.85
CA GLY A 243 -27.50 -18.49 -8.14
C GLY A 243 -28.79 -19.21 -7.80
N ARG A 244 -28.88 -20.49 -8.16
CA ARG A 244 -30.10 -21.25 -7.87
C ARG A 244 -30.19 -21.62 -6.38
N LEU A 245 -29.04 -21.93 -5.76
CA LEU A 245 -29.05 -22.25 -4.33
C LEU A 245 -29.59 -21.10 -3.51
N VAL A 246 -29.18 -19.88 -3.80
CA VAL A 246 -29.62 -18.72 -3.02
C VAL A 246 -31.10 -18.46 -3.23
N LYS A 247 -31.56 -18.51 -4.48
CA LYS A 247 -33.00 -18.40 -4.76
C LYS A 247 -33.81 -19.35 -3.89
N LYS A 248 -33.44 -20.63 -3.87
CA LYS A 248 -34.19 -21.61 -3.09
C LYS A 248 -34.10 -21.31 -1.60
N TYR A 249 -33.00 -20.72 -1.14
CA TYR A 249 -32.87 -20.37 0.26
C TYR A 249 -33.78 -19.20 0.62
N ASN A 250 -33.75 -18.14 -0.19
CA ASN A 250 -34.56 -16.96 0.07
C ASN A 250 -36.06 -17.25 0.00
N LYS A 251 -36.45 -18.43 -0.46
CA LYS A 251 -37.87 -18.77 -0.52
C LYS A 251 -38.39 -19.27 0.83
N SER A 252 -37.54 -19.92 1.62
CA SER A 252 -37.95 -20.51 2.88
C SER A 252 -37.33 -19.79 4.08
N HIS A 253 -36.66 -18.66 3.86
CA HIS A 253 -36.06 -17.87 4.94
C HIS A 253 -36.58 -16.44 4.84
N GLU A 254 -36.98 -15.88 5.98
CA GLU A 254 -37.45 -14.50 6.00
C GLU A 254 -36.34 -13.54 5.63
N GLU A 255 -35.23 -13.59 6.36
CA GLU A 255 -34.09 -12.73 6.09
C GLU A 255 -33.30 -13.31 4.92
N ALA A 256 -33.40 -12.69 3.76
CA ALA A 256 -32.65 -13.16 2.60
C ALA A 256 -31.15 -12.94 2.80
N LEU A 257 -30.36 -13.60 1.95
CA LEU A 257 -28.92 -13.43 1.96
C LEU A 257 -28.52 -12.22 1.11
N PRO A 258 -27.34 -11.66 1.35
CA PRO A 258 -26.91 -10.49 0.58
C PRO A 258 -27.07 -10.71 -0.92
N LYS A 259 -27.37 -9.62 -1.62
CA LYS A 259 -27.63 -9.70 -3.06
C LYS A 259 -26.43 -10.31 -3.80
N THR A 260 -25.21 -9.99 -3.36
CA THR A 260 -23.99 -10.45 -4.03
C THR A 260 -23.44 -11.74 -3.46
N THR A 261 -24.29 -12.69 -3.08
CA THR A 261 -23.88 -13.95 -2.45
C THR A 261 -23.43 -14.94 -3.51
N THR A 262 -22.17 -14.82 -3.89
CA THR A 262 -21.58 -15.62 -4.96
C THR A 262 -20.39 -16.40 -4.40
N PRO A 263 -19.72 -17.22 -5.21
CA PRO A 263 -18.52 -17.90 -4.68
C PRO A 263 -17.47 -16.97 -4.11
N HIS A 264 -17.21 -15.82 -4.74
CA HIS A 264 -16.24 -14.88 -4.18
C HIS A 264 -16.67 -14.37 -2.81
N ALA A 265 -17.98 -14.19 -2.60
CA ALA A 265 -18.49 -13.83 -1.29
C ALA A 265 -17.90 -14.72 -0.19
N MET A 266 -17.72 -16.01 -0.47
CA MET A 266 -17.14 -16.91 0.53
C MET A 266 -15.70 -16.53 0.83
N ARG A 267 -14.96 -16.12 -0.19
CA ARG A 267 -13.61 -15.61 0.01
C ARG A 267 -13.66 -14.30 0.79
N HIS A 268 -14.60 -13.44 0.45
CA HIS A 268 -14.81 -12.20 1.19
C HIS A 268 -15.09 -12.48 2.67
N THR A 269 -16.06 -13.35 2.94
CA THR A 269 -16.40 -13.66 4.34
C THR A 269 -15.20 -14.21 5.07
N PHE A 270 -14.50 -15.16 4.46
CA PHE A 270 -13.31 -15.74 5.08
C PHE A 270 -12.33 -14.65 5.47
N CYS A 271 -12.03 -13.73 4.55
CA CYS A 271 -11.05 -12.68 4.83
C CYS A 271 -11.54 -11.72 5.90
N THR A 272 -12.83 -11.36 5.86
CA THR A 272 -13.37 -10.45 6.87
C THR A 272 -13.28 -11.04 8.27
N ARG A 273 -13.62 -12.33 8.42
CA ARG A 273 -13.52 -12.97 9.72
C ARG A 273 -12.11 -12.81 10.31
N LEU A 274 -11.10 -13.22 9.54
CA LEU A 274 -9.74 -13.22 10.06
C LEU A 274 -9.27 -11.80 10.34
N ALA A 275 -9.63 -10.84 9.48
CA ALA A 275 -9.24 -9.45 9.71
C ALA A 275 -9.84 -8.92 11.00
N ASN A 276 -11.16 -9.09 11.18
CA ASN A 276 -11.80 -8.60 12.39
C ASN A 276 -11.27 -9.29 13.64
N ALA A 277 -11.02 -10.60 13.57
CA ALA A 277 -10.42 -11.30 14.70
C ALA A 277 -9.05 -10.74 15.08
N GLY A 278 -8.43 -9.94 14.22
CA GLY A 278 -7.14 -9.35 14.53
C GLY A 278 -5.97 -10.23 14.11
N MET A 279 -6.12 -10.90 12.96
CA MET A 279 -5.02 -11.69 12.43
C MET A 279 -3.90 -10.80 11.94
N ASN A 280 -2.67 -11.26 12.10
CA ASN A 280 -1.54 -10.53 11.58
C ASN A 280 -1.79 -10.17 10.11
N PRO A 281 -1.73 -8.89 9.74
CA PRO A 281 -2.11 -8.52 8.37
C PRO A 281 -1.24 -9.18 7.31
N LYS A 282 0.06 -9.32 7.57
CA LYS A 282 0.91 -9.92 6.56
C LYS A 282 0.79 -11.44 6.52
N ALA A 283 0.35 -12.05 7.63
CA ALA A 283 0.03 -13.47 7.60
C ALA A 283 -1.25 -13.72 6.80
N LEU A 284 -2.22 -12.81 6.92
CA LEU A 284 -3.44 -12.94 6.14
C LEU A 284 -3.17 -12.67 4.65
N GLN A 285 -2.32 -11.70 4.35
CA GLN A 285 -1.96 -11.45 2.96
C GLN A 285 -1.36 -12.70 2.32
N TYR A 286 -0.57 -13.46 3.08
CA TYR A 286 -0.02 -14.70 2.55
C TYR A 286 -1.13 -15.70 2.23
N ILE A 287 -1.98 -16.00 3.22
CA ILE A 287 -3.06 -16.96 3.03
C ILE A 287 -3.93 -16.57 1.84
N MET A 288 -4.21 -15.27 1.69
CA MET A 288 -5.16 -14.84 0.68
C MET A 288 -4.59 -14.93 -0.72
N GLY A 289 -3.29 -14.74 -0.88
CA GLY A 289 -2.69 -14.63 -2.19
C GLY A 289 -2.53 -13.21 -2.69
N HIS A 290 -2.91 -12.21 -1.89
CA HIS A 290 -2.79 -10.83 -2.32
C HIS A 290 -1.34 -10.49 -2.61
N SER A 291 -1.09 -9.86 -3.77
CA SER A 291 0.27 -9.47 -4.12
C SER A 291 0.69 -8.18 -3.41
N ASN A 292 -0.25 -7.30 -3.10
CA ASN A 292 0.02 -6.03 -2.44
C ASN A 292 -0.67 -6.01 -1.09
N ILE A 293 0.06 -5.58 -0.06
CA ILE A 293 -0.52 -5.55 1.29
C ILE A 293 -1.66 -4.55 1.38
N THR A 294 -1.76 -3.61 0.43
CA THR A 294 -2.89 -2.69 0.42
C THR A 294 -4.20 -3.43 0.18
N MET A 295 -4.17 -4.40 -0.74
CA MET A 295 -5.37 -5.18 -1.04
C MET A 295 -5.92 -5.85 0.21
N THR A 296 -5.03 -6.33 1.08
CA THR A 296 -5.49 -7.01 2.29
C THR A 296 -5.95 -6.02 3.35
N LEU A 297 -5.29 -4.88 3.46
CA LEU A 297 -5.66 -3.90 4.47
C LEU A 297 -7.02 -3.27 4.20
N ASN A 298 -7.57 -3.42 2.99
CA ASN A 298 -8.91 -2.92 2.74
C ASN A 298 -9.95 -3.64 3.61
N TYR A 299 -9.62 -4.82 4.12
CA TYR A 299 -10.53 -5.59 4.95
C TYR A 299 -10.49 -5.19 6.42
N TYR A 300 -9.65 -4.23 6.80
CA TYR A 300 -9.61 -3.72 8.16
C TYR A 300 -10.35 -2.39 8.24
N ALA A 301 -11.18 -2.24 9.26
CA ALA A 301 -11.96 -1.02 9.41
C ALA A 301 -11.04 0.15 9.76
N HIS A 302 -11.36 1.32 9.22
CA HIS A 302 -10.62 2.53 9.55
C HIS A 302 -10.59 2.71 11.07
N ALA A 303 -9.52 3.32 11.56
CA ALA A 303 -9.38 3.58 12.98
C ALA A 303 -9.85 4.98 13.32
N THR A 304 -10.41 5.13 14.52
CA THR A 304 -10.78 6.42 15.08
C THR A 304 -9.84 6.74 16.23
N PHE A 305 -9.87 7.98 16.70
CA PHE A 305 -9.05 8.33 17.85
C PHE A 305 -9.35 7.41 19.03
N ASP A 306 -10.63 7.18 19.31
CA ASP A 306 -10.99 6.27 20.39
C ASP A 306 -10.52 4.85 20.09
N SER A 307 -10.69 4.42 18.84
CA SER A 307 -10.15 3.12 18.42
C SER A 307 -8.66 3.03 18.74
N ALA A 308 -7.91 4.08 18.38
CA ALA A 308 -6.47 4.06 18.60
C ALA A 308 -6.12 4.10 20.08
N ARG A 309 -6.80 4.96 20.84
CA ARG A 309 -6.47 5.10 22.26
C ARG A 309 -6.68 3.78 22.99
N ALA A 310 -7.83 3.13 22.75
CA ALA A 310 -8.09 1.86 23.42
C ALA A 310 -7.04 0.82 23.05
N GLU A 311 -6.47 0.90 21.85
CA GLU A 311 -5.42 -0.05 21.47
C GLU A 311 -4.12 0.22 22.21
N MET A 312 -3.77 1.50 22.38
CA MET A 312 -2.55 1.83 23.11
C MET A 312 -2.70 1.54 24.60
N GLU A 313 -3.91 1.76 25.14
CA GLU A 313 -4.16 1.37 26.52
C GLU A 313 -4.13 -0.14 26.67
N ARG A 314 -4.67 -0.87 25.69
CA ARG A 314 -4.59 -2.32 25.72
C ARG A 314 -3.15 -2.81 25.74
N LEU A 315 -2.25 -2.11 25.07
CA LEU A 315 -0.83 -2.45 25.05
C LEU A 315 -0.07 -1.57 26.05
N ALA A 316 -0.34 -1.83 27.33
CA ALA A 316 0.21 -1.05 28.41
C ALA A 316 1.73 -0.98 28.36
N SER D 1 16.14 25.59 -22.83
CA SER D 1 16.81 24.65 -21.92
C SER D 1 17.51 23.54 -22.68
N MET D 2 18.65 23.83 -23.28
CA MET D 2 19.39 22.81 -24.01
C MET D 2 20.38 22.05 -23.13
N THR D 3 21.01 22.72 -22.16
CA THR D 3 21.89 22.03 -21.24
C THR D 3 21.08 21.44 -20.09
N VAL D 4 21.63 20.39 -19.48
CA VAL D 4 20.92 19.70 -18.40
C VAL D 4 20.66 20.66 -17.25
N CYS D 5 21.65 21.50 -16.91
CA CYS D 5 21.43 22.49 -15.85
C CYS D 5 20.29 23.43 -16.21
N GLN D 6 20.30 23.96 -17.42
CA GLN D 6 19.21 24.82 -17.86
C GLN D 6 17.88 24.10 -17.79
N LEU D 7 17.86 22.81 -18.13
CA LEU D 7 16.62 22.04 -18.07
C LEU D 7 16.12 21.91 -16.63
N TYR D 8 17.02 21.54 -15.71
CA TYR D 8 16.63 21.48 -14.31
C TYR D 8 16.22 22.85 -13.80
N ALA D 9 16.91 23.90 -14.23
CA ALA D 9 16.52 25.25 -13.86
C ALA D 9 15.09 25.54 -14.30
N LYS D 10 14.72 25.10 -15.51
CA LYS D 10 13.36 25.31 -16.00
C LYS D 10 12.35 24.49 -15.18
N GLN D 11 12.73 23.29 -14.77
CA GLN D 11 11.81 22.42 -14.03
C GLN D 11 11.42 23.05 -12.69
N ILE D 12 12.40 23.56 -11.95
CA ILE D 12 12.11 24.06 -10.61
C ILE D 12 11.44 25.43 -10.64
N ARG D 13 11.72 26.25 -11.66
CA ARG D 13 11.00 27.52 -11.78
C ARG D 13 9.53 27.27 -12.13
N HIS D 14 9.26 26.30 -13.01
CA HIS D 14 7.88 25.99 -13.35
C HIS D 14 7.11 25.44 -12.16
N ARG D 15 7.78 24.71 -11.28
CA ARG D 15 7.15 24.08 -10.13
C ARG D 15 7.66 24.74 -8.85
N GLY D 16 7.29 26.02 -8.69
CA GLY D 16 7.87 26.87 -7.66
C GLY D 16 7.20 26.85 -6.30
N ASN D 17 5.95 26.39 -6.22
CA ASN D 17 5.23 26.35 -4.95
C ASN D 17 5.79 25.21 -4.11
N VAL D 18 6.93 25.49 -3.47
CA VAL D 18 7.61 24.50 -2.64
C VAL D 18 8.04 25.15 -1.32
N LYS D 19 8.40 24.29 -0.37
CA LYS D 19 8.81 24.73 0.96
C LYS D 19 10.29 25.11 0.97
N HIS D 20 10.70 25.78 2.05
CA HIS D 20 12.07 26.28 2.12
C HIS D 20 13.09 25.14 2.04
N ASN D 21 12.82 24.02 2.73
CA ASN D 21 13.74 22.89 2.67
C ASN D 21 13.82 22.32 1.26
N THR D 22 12.72 22.34 0.51
CA THR D 22 12.75 21.90 -0.87
C THR D 22 13.62 22.81 -1.73
N LYS D 23 13.60 24.12 -1.47
CA LYS D 23 14.44 25.03 -2.24
C LYS D 23 15.91 24.75 -1.95
N LEU D 24 16.25 24.49 -0.69
CA LEU D 24 17.61 24.10 -0.37
C LEU D 24 18.02 22.84 -1.13
N GLY D 25 17.20 21.79 -1.03
CA GLY D 25 17.53 20.54 -1.70
C GLY D 25 17.78 20.71 -3.19
N ARG D 26 16.86 21.37 -3.88
CA ARG D 26 17.05 21.63 -5.31
C ARG D 26 18.38 22.34 -5.57
N GLU D 27 18.72 23.30 -4.73
CA GLU D 27 20.01 23.98 -4.86
C GLU D 27 21.17 22.99 -4.78
N ARG D 28 21.07 22.03 -3.85
CA ARG D 28 22.13 21.03 -3.71
C ARG D 28 22.30 20.22 -4.99
N LEU D 29 21.20 19.82 -5.62
CA LEU D 29 21.30 19.08 -6.87
C LEU D 29 21.83 19.97 -7.98
N MET D 30 21.38 21.24 -8.01
CA MET D 30 21.87 22.15 -9.03
C MET D 30 23.39 22.28 -8.97
N ARG D 31 23.95 22.34 -7.76
CA ARG D 31 25.40 22.40 -7.63
C ARG D 31 26.06 21.12 -8.14
N ILE D 32 25.43 19.98 -7.93
CA ILE D 32 25.97 18.72 -8.42
C ILE D 32 26.07 18.76 -9.95
N LEU D 33 25.02 19.23 -10.61
CA LEU D 33 25.04 19.30 -12.07
C LEU D 33 26.11 20.27 -12.56
N GLU D 34 26.22 21.43 -11.90
CA GLU D 34 27.22 22.41 -12.31
C GLU D 34 28.64 21.85 -12.22
N GLN D 35 28.90 21.03 -11.20
CA GLN D 35 30.23 20.45 -11.04
C GLN D 35 30.45 19.23 -11.92
N ASP D 36 29.39 18.47 -12.19
CA ASP D 36 29.51 17.24 -12.96
C ASP D 36 29.49 17.52 -14.45
N ARG D 37 30.19 16.69 -15.21
CA ARG D 37 30.22 16.86 -16.66
C ARG D 37 28.83 16.77 -17.28
N LEU D 38 27.89 16.07 -16.64
CA LEU D 38 26.57 15.87 -17.24
C LEU D 38 25.83 17.19 -17.44
N GLY D 39 26.01 18.13 -16.51
CA GLY D 39 25.28 19.39 -16.59
C GLY D 39 25.53 20.18 -17.85
N SER D 40 26.65 19.94 -18.52
CA SER D 40 27.00 20.66 -19.75
C SER D 40 26.42 20.02 -21.00
N CYS D 41 26.07 18.74 -20.95
CA CYS D 41 25.55 18.07 -22.13
C CYS D 41 24.26 18.74 -22.59
N PRO D 42 24.06 18.89 -23.90
CA PRO D 42 22.71 19.19 -24.40
C PRO D 42 21.79 18.01 -24.16
N ILE D 43 20.51 18.32 -23.94
CA ILE D 43 19.58 17.28 -23.52
C ILE D 43 19.28 16.33 -24.65
N ASP D 44 19.31 16.80 -25.90
CA ASP D 44 19.04 15.93 -27.04
C ASP D 44 20.17 14.94 -27.30
N SER D 45 21.27 15.00 -26.55
CA SER D 45 22.39 14.09 -26.72
C SER D 45 22.61 13.18 -25.53
N VAL D 46 21.75 13.24 -24.52
CA VAL D 46 21.91 12.45 -23.30
C VAL D 46 21.28 11.09 -23.52
N LYS D 47 22.10 10.04 -23.50
CA LYS D 47 21.67 8.67 -23.74
C LYS D 47 21.58 7.91 -22.42
N LEU D 48 20.83 6.80 -22.45
CA LEU D 48 20.65 5.98 -21.27
C LEU D 48 21.97 5.60 -20.62
N SER D 49 23.04 5.51 -21.42
CA SER D 49 24.36 5.20 -20.86
C SER D 49 24.94 6.37 -20.11
N ASP D 50 24.69 7.60 -20.58
CA ASP D 50 25.19 8.77 -19.89
C ASP D 50 24.57 8.90 -18.50
N ALA D 51 23.26 8.67 -18.40
CA ALA D 51 22.60 8.75 -17.10
C ALA D 51 23.15 7.72 -16.12
N LYS D 52 23.37 6.50 -16.59
CA LYS D 52 23.94 5.47 -15.72
C LYS D 52 25.34 5.87 -15.26
N GLU D 53 26.17 6.35 -16.19
CA GLU D 53 27.53 6.76 -15.82
C GLU D 53 27.51 7.93 -14.85
N TRP D 54 26.52 8.83 -14.96
CA TRP D 54 26.34 9.85 -13.95
C TRP D 54 26.22 9.23 -12.56
N ALA D 55 25.37 8.21 -12.44
CA ALA D 55 25.18 7.57 -11.14
C ALA D 55 26.48 6.99 -10.61
N LEU D 56 27.23 6.27 -11.46
CA LEU D 56 28.52 5.73 -11.03
C LEU D 56 29.42 6.84 -10.51
N ARG D 57 29.42 8.01 -11.17
CA ARG D 57 30.22 9.11 -10.68
C ARG D 57 29.73 9.59 -9.31
N MET D 58 28.40 9.73 -9.16
CA MET D 58 27.87 10.15 -7.86
C MET D 58 28.30 9.18 -6.76
N LYS D 59 28.27 7.88 -7.06
CA LYS D 59 28.70 6.90 -6.07
C LYS D 59 30.20 7.00 -5.83
N GLU D 60 30.97 7.30 -6.88
CA GLU D 60 32.41 7.45 -6.71
C GLU D 60 32.75 8.75 -5.99
N LYS D 61 31.92 9.78 -6.17
CA LYS D 61 32.09 11.01 -5.40
C LYS D 61 31.96 10.76 -3.91
N GLY D 62 31.16 9.77 -3.52
CA GLY D 62 30.92 9.46 -2.11
C GLY D 62 29.49 9.65 -1.66
N LEU D 63 28.56 10.00 -2.54
CA LEU D 63 27.17 10.18 -2.17
C LEU D 63 26.50 8.82 -1.97
N SER D 64 25.58 8.77 -1.02
CA SER D 64 24.92 7.52 -0.66
C SER D 64 23.97 7.06 -1.77
N TYR D 65 23.53 5.81 -1.66
CA TYR D 65 22.59 5.28 -2.64
C TYR D 65 21.28 6.05 -2.62
N LYS D 66 20.71 6.25 -1.42
CA LYS D 66 19.43 6.95 -1.34
C LYS D 66 19.52 8.35 -1.94
N THR D 67 20.61 9.06 -1.66
CA THR D 67 20.79 10.35 -2.31
C THR D 67 20.76 10.20 -3.83
N ILE D 68 21.56 9.29 -4.37
CA ILE D 68 21.67 9.16 -5.82
C ILE D 68 20.33 8.76 -6.43
N ASN D 69 19.58 7.91 -5.73
CA ASN D 69 18.27 7.52 -6.25
C ASN D 69 17.27 8.69 -6.21
N ASN D 70 17.27 9.45 -5.11
CA ASN D 70 16.40 10.62 -5.06
C ASN D 70 16.74 11.60 -6.18
N ASP D 71 18.02 11.91 -6.37
CA ASP D 71 18.38 12.86 -7.40
C ASP D 71 18.07 12.32 -8.79
N LYS D 72 18.25 11.02 -9.00
CA LYS D 72 17.86 10.43 -10.26
C LYS D 72 16.39 10.70 -10.56
N ARG D 73 15.54 10.62 -9.54
CA ARG D 73 14.11 10.85 -9.75
C ARG D 73 13.83 12.32 -10.09
N SER D 74 14.56 13.25 -9.48
CA SER D 74 14.48 14.65 -9.90
C SER D 74 14.81 14.80 -11.37
N LEU D 75 15.97 14.30 -11.79
CA LEU D 75 16.35 14.38 -13.20
C LEU D 75 15.33 13.70 -14.08
N LYS D 76 14.88 12.50 -13.69
CA LYS D 76 13.88 11.81 -14.49
C LYS D 76 12.66 12.68 -14.74
N ALA D 77 12.11 13.26 -13.68
CA ALA D 77 10.95 14.15 -13.85
C ALA D 77 11.30 15.33 -14.74
N ALA D 78 12.51 15.87 -14.61
CA ALA D 78 12.91 16.97 -15.48
C ALA D 78 12.83 16.56 -16.94
N PHE D 79 13.39 15.39 -17.29
CA PHE D 79 13.37 14.96 -18.68
C PHE D 79 11.97 14.59 -19.14
N TYR D 80 11.10 14.14 -18.23
CA TYR D 80 9.71 13.92 -18.62
C TYR D 80 9.02 15.21 -19.00
N THR D 81 9.46 16.34 -18.42
CA THR D 81 8.89 17.62 -18.81
C THR D 81 9.39 18.05 -20.19
N ALA D 82 10.66 17.77 -20.49
CA ALA D 82 11.18 18.05 -21.82
C ALA D 82 10.57 17.12 -22.87
N ILE D 83 10.10 15.94 -22.47
CA ILE D 83 9.40 15.06 -23.40
C ILE D 83 8.05 15.65 -23.76
N GLN D 84 7.30 16.10 -22.76
CA GLN D 84 5.99 16.71 -23.01
C GLN D 84 6.12 18.05 -23.74
N ASP D 85 7.33 18.58 -23.91
CA ASP D 85 7.57 19.80 -24.65
C ASP D 85 8.16 19.54 -26.04
N ASP D 86 8.20 18.28 -26.47
CA ASP D 86 8.65 17.92 -27.81
C ASP D 86 10.10 18.32 -28.04
N CYS D 87 10.96 18.01 -27.06
CA CYS D 87 12.39 18.21 -27.17
C CYS D 87 13.18 16.93 -27.36
N ILE D 88 12.73 15.83 -26.75
CA ILE D 88 13.36 14.52 -26.91
C ILE D 88 12.25 13.47 -26.92
N ARG D 89 12.62 12.24 -27.29
CA ARG D 89 11.67 11.14 -27.38
C ARG D 89 11.71 10.24 -26.14
N LYS D 90 12.85 9.62 -25.88
CA LYS D 90 13.01 8.71 -24.77
C LYS D 90 13.59 9.43 -23.56
N ASN D 91 13.25 8.95 -22.36
CA ASN D 91 13.73 9.53 -21.13
C ASN D 91 14.98 8.77 -20.66
N PRO D 92 16.16 9.38 -20.70
CA PRO D 92 17.39 8.63 -20.40
C PRO D 92 17.55 8.24 -18.94
N PHE D 93 16.60 8.55 -18.06
CA PHE D 93 16.67 8.13 -16.67
C PHE D 93 15.63 7.08 -16.31
N ASP D 94 14.95 6.52 -17.31
CA ASP D 94 13.94 5.49 -17.09
C ASP D 94 14.59 4.11 -16.96
N PHE D 95 15.58 3.99 -16.09
CA PHE D 95 16.23 2.72 -15.81
C PHE D 95 16.17 2.46 -14.30
N GLN D 96 16.42 1.21 -13.92
CA GLN D 96 16.42 0.83 -12.52
C GLN D 96 17.81 1.07 -11.94
N LEU D 97 17.87 1.83 -10.84
CA LEU D 97 19.18 2.20 -10.31
C LEU D 97 19.92 1.01 -9.70
N SER D 98 19.18 0.01 -9.20
CA SER D 98 19.85 -1.13 -8.59
C SER D 98 20.64 -1.97 -9.58
N ASP D 99 20.36 -1.85 -10.88
CA ASP D 99 21.15 -2.56 -11.90
C ASP D 99 22.55 -1.98 -12.05
N VAL D 100 22.75 -0.73 -11.68
CA VAL D 100 24.03 -0.05 -11.85
C VAL D 100 24.83 -0.02 -10.55
N LEU D 101 24.16 0.22 -9.44
CA LEU D 101 24.80 0.33 -8.13
C LEU D 101 24.18 -0.66 -7.17
N ASP D 102 24.93 -0.97 -6.11
CA ASP D 102 24.41 -1.78 -5.02
C ASP D 102 24.01 -0.88 -3.86
N ASP D 103 22.87 -1.19 -3.25
CA ASP D 103 22.33 -0.39 -2.15
C ASP D 103 22.97 -0.86 -0.85
N ASP D 104 23.96 -0.09 -0.38
CA ASP D 104 24.69 -0.39 0.85
C ASP D 104 24.18 0.43 2.04
N THR D 105 22.88 0.76 2.05
CA THR D 105 22.30 1.52 3.15
C THR D 105 22.40 0.72 4.44
N GLU D 106 23.05 1.31 5.44
CA GLU D 106 23.15 0.65 6.73
C GLU D 106 21.78 0.61 7.40
N PRO D 107 21.24 -0.57 7.70
CA PRO D 107 19.90 -0.63 8.31
C PRO D 107 19.84 0.18 9.60
N LYS D 108 18.64 0.66 9.91
CA LYS D 108 18.38 1.43 11.12
C LYS D 108 17.80 0.48 12.16
N VAL D 109 18.63 -0.01 13.06
CA VAL D 109 18.22 -1.00 14.06
C VAL D 109 17.55 -0.29 15.23
N PRO D 110 16.31 -0.61 15.55
CA PRO D 110 15.65 0.04 16.69
C PRO D 110 16.23 -0.45 18.01
N LEU D 111 15.93 0.31 19.06
CA LEU D 111 16.44 -0.03 20.38
C LEU D 111 15.68 -1.22 20.95
N THR D 112 16.41 -2.09 21.64
CA THR D 112 15.74 -3.16 22.36
C THR D 112 15.35 -2.68 23.75
N PRO D 113 14.29 -3.27 24.33
CA PRO D 113 13.89 -2.85 25.68
C PRO D 113 15.05 -2.73 26.65
N ALA D 114 15.93 -3.73 26.69
CA ALA D 114 17.09 -3.67 27.57
C ALA D 114 17.91 -2.41 27.31
N GLN D 115 18.18 -2.11 26.04
CA GLN D 115 18.93 -0.91 25.71
C GLN D 115 18.14 0.36 26.07
N GLU D 116 16.84 0.37 25.76
CA GLU D 116 16.02 1.54 26.05
C GLU D 116 16.05 1.88 27.54
N GLU D 117 15.84 0.88 28.40
CA GLU D 117 15.90 1.12 29.83
C GLU D 117 17.29 1.59 30.25
N SER D 118 18.33 0.98 29.68
CA SER D 118 19.69 1.41 29.97
C SER D 118 19.92 2.84 29.49
N PHE D 119 19.49 3.15 28.27
CA PHE D 119 19.68 4.49 27.72
C PHE D 119 19.02 5.56 28.59
N LEU D 120 17.79 5.30 29.05
CA LEU D 120 17.09 6.27 29.87
C LEU D 120 17.72 6.41 31.25
N SER D 121 18.14 5.30 31.84
CA SER D 121 18.79 5.37 33.15
C SER D 121 20.02 6.25 33.11
N PHE D 122 20.81 6.16 32.04
CA PHE D 122 21.99 7.00 31.90
C PHE D 122 21.60 8.48 31.80
N ILE D 123 20.55 8.78 31.03
CA ILE D 123 20.16 10.16 30.83
C ILE D 123 19.73 10.80 32.15
N GLN D 124 18.82 10.13 32.88
CA GLN D 124 18.38 10.67 34.16
C GLN D 124 19.53 10.80 35.15
N GLY D 125 20.50 9.89 35.07
CA GLY D 125 21.65 9.95 35.97
C GLY D 125 22.65 11.02 35.59
N ASP D 126 22.84 11.23 34.29
CA ASP D 126 23.86 12.16 33.84
C ASP D 126 23.49 13.59 34.20
N LYS D 127 24.47 14.32 34.73
CA LYS D 127 24.25 15.69 35.18
C LYS D 127 24.18 16.70 34.04
N VAL D 128 24.57 16.33 32.83
CA VAL D 128 24.61 17.28 31.71
C VAL D 128 23.38 17.10 30.82
N TYR D 129 22.86 15.88 30.75
CA TYR D 129 21.76 15.59 29.83
C TYR D 129 20.44 15.29 30.54
N GLN D 130 20.45 15.15 31.87
CA GLN D 130 19.19 14.88 32.58
C GLN D 130 18.12 15.90 32.24
N LYS D 131 18.51 17.12 31.85
CA LYS D 131 17.52 18.13 31.48
C LYS D 131 16.78 17.77 30.20
N HIS D 132 17.30 16.81 29.42
CA HIS D 132 16.63 16.33 28.22
C HIS D 132 15.92 15.00 28.45
N TYR D 133 15.93 14.48 29.68
CA TYR D 133 15.27 13.21 29.95
C TYR D 133 13.80 13.25 29.58
N ASP D 134 13.11 14.35 29.91
CA ASP D 134 11.68 14.43 29.65
C ASP D 134 11.36 14.37 28.16
N ALA D 135 12.08 15.14 27.34
CA ALA D 135 11.84 15.11 25.91
C ALA D 135 12.04 13.71 25.34
N ILE D 136 13.08 13.00 25.80
CA ILE D 136 13.34 11.67 25.29
C ILE D 136 12.22 10.71 25.65
N VAL D 137 11.70 10.81 26.88
CA VAL D 137 10.58 9.96 27.27
C VAL D 137 9.39 10.21 26.37
N ILE D 138 9.08 11.49 26.11
CA ILE D 138 7.94 11.83 25.27
C ILE D 138 8.13 11.28 23.87
N LEU D 139 9.33 11.46 23.31
CA LEU D 139 9.64 10.89 21.99
C LEU D 139 9.36 9.39 21.97
N LEU D 140 9.86 8.65 22.96
CA LEU D 140 9.71 7.21 23.00
C LEU D 140 8.28 6.76 23.27
N GLY D 141 7.43 7.64 23.79
CA GLY D 141 6.10 7.23 24.20
C GLY D 141 5.00 7.75 23.32
N THR D 142 5.38 8.40 22.21
CA THR D 142 4.39 9.04 21.34
C THR D 142 4.69 8.89 19.85
N GLY D 143 5.92 8.60 19.45
CA GLY D 143 6.25 8.54 18.05
C GLY D 143 6.35 9.88 17.36
N LEU D 144 6.31 10.99 18.12
CA LEU D 144 6.44 12.31 17.52
C LEU D 144 7.73 12.42 16.73
N LYS D 145 7.62 12.99 15.53
CA LYS D 145 8.82 13.47 14.86
C LYS D 145 9.41 14.63 15.66
N ILE D 146 10.64 15.01 15.32
CA ILE D 146 11.36 15.94 16.18
C ILE D 146 10.79 17.36 16.05
N SER D 147 10.51 17.79 14.83
CA SER D 147 9.95 19.14 14.64
C SER D 147 8.49 19.23 15.03
N GLU D 148 7.79 18.10 15.25
CA GLU D 148 6.48 18.17 15.86
C GLU D 148 6.61 18.37 17.37
N LEU D 149 7.59 17.72 17.99
CA LEU D 149 7.85 17.96 19.40
C LEU D 149 8.23 19.42 19.65
N CYS D 150 9.11 19.97 18.80
CA CYS D 150 9.56 21.34 19.00
C CYS D 150 8.40 22.32 18.87
N GLY D 151 7.42 22.01 18.03
CA GLY D 151 6.30 22.89 17.80
C GLY D 151 5.21 22.86 18.84
N LEU D 152 5.34 22.00 19.86
CA LEU D 152 4.30 21.90 20.86
C LEU D 152 4.23 23.16 21.72
N THR D 153 3.00 23.59 22.02
CA THR D 153 2.73 24.74 22.87
C THR D 153 1.65 24.38 23.89
N ASP D 154 1.42 25.29 24.83
CA ASP D 154 0.39 25.06 25.85
C ASP D 154 -0.96 24.80 25.23
N LYS D 155 -1.27 25.45 24.10
CA LYS D 155 -2.56 25.24 23.45
C LYS D 155 -2.67 23.91 22.73
N ASP D 156 -1.58 23.14 22.65
CA ASP D 156 -1.59 21.84 21.99
C ASP D 156 -1.75 20.68 22.95
N LEU D 157 -1.61 20.91 24.26
CA LEU D 157 -1.77 19.88 25.27
C LEU D 157 -3.13 19.99 25.93
N ASP D 158 -3.73 18.83 26.24
CA ASP D 158 -5.03 18.75 26.90
C ASP D 158 -4.89 17.78 28.06
N PHE D 159 -4.54 18.30 29.24
CA PHE D 159 -4.31 17.44 30.39
C PHE D 159 -5.60 16.92 31.00
N GLU D 160 -6.75 17.54 30.67
CA GLU D 160 -8.02 16.99 31.13
C GLU D 160 -8.29 15.63 30.51
N ASN D 161 -8.06 15.50 29.21
CA ASN D 161 -8.24 14.24 28.49
C ASN D 161 -6.92 13.53 28.21
N ARG D 162 -5.78 14.15 28.54
CA ARG D 162 -4.46 13.57 28.33
C ARG D 162 -4.24 13.24 26.84
N VAL D 163 -4.41 14.26 26.02
CA VAL D 163 -4.25 14.12 24.58
C VAL D 163 -3.26 15.16 24.08
N ILE D 164 -2.38 14.73 23.17
CA ILE D 164 -1.49 15.62 22.44
C ILE D 164 -2.17 15.94 21.10
N ILE D 165 -2.27 17.22 20.78
CA ILE D 165 -2.88 17.64 19.52
C ILE D 165 -1.75 18.07 18.60
N VAL D 166 -1.43 17.21 17.63
CA VAL D 166 -0.36 17.45 16.68
C VAL D 166 -0.98 18.11 15.46
N SER D 167 -0.65 19.40 15.23
CA SER D 167 -1.28 20.14 14.15
C SER D 167 -0.30 20.92 13.29
N HIS D 168 0.99 20.89 13.60
CA HIS D 168 1.97 21.74 12.93
C HIS D 168 3.35 21.27 13.34
N GLN D 169 4.36 21.78 12.65
CA GLN D 169 5.74 21.63 13.06
C GLN D 169 6.40 23.00 13.10
N LEU D 170 7.39 23.14 13.99
CA LEU D 170 8.22 24.35 14.09
C LEU D 170 9.59 24.03 13.51
N LEU D 171 9.98 24.79 12.48
CA LEU D 171 11.22 24.57 11.76
C LEU D 171 12.09 25.81 11.84
N ARG D 172 13.39 25.63 11.60
CA ARG D 172 14.33 26.74 11.56
C ARG D 172 15.38 26.48 10.50
N ASN D 173 15.63 27.49 9.67
CA ASN D 173 16.66 27.40 8.66
C ASN D 173 17.45 28.70 8.63
N THR D 174 18.66 28.62 8.07
CA THR D 174 19.53 29.77 8.00
C THR D 174 18.90 30.87 7.16
N GLY D 175 19.03 32.11 7.63
CA GLY D 175 18.47 33.25 6.94
C GLY D 175 17.04 33.51 7.35
N VAL D 176 16.14 32.63 6.94
CA VAL D 176 14.71 32.83 7.21
C VAL D 176 14.41 32.71 8.71
N GLY D 177 15.22 31.98 9.45
CA GLY D 177 14.89 31.77 10.86
C GLY D 177 13.75 30.78 11.03
N TYR D 178 13.01 30.94 12.13
CA TYR D 178 11.90 30.05 12.43
C TYR D 178 10.71 30.30 11.51
N TYR D 179 9.91 29.26 11.32
CA TYR D 179 8.62 29.34 10.65
C TYR D 179 7.82 28.10 11.02
N ILE D 180 6.53 28.12 10.70
CA ILE D 180 5.60 27.04 11.02
C ILE D 180 5.09 26.43 9.73
N ASP D 181 5.22 25.12 9.61
CA ASP D 181 4.56 24.36 8.55
C ASP D 181 3.44 23.55 9.17
N GLU D 182 2.31 23.49 8.47
CA GLU D 182 1.17 22.71 8.90
C GLU D 182 0.50 22.13 7.66
N PRO D 183 -0.33 21.09 7.83
CA PRO D 183 -0.93 20.43 6.67
C PRO D 183 -2.05 21.25 6.04
N LYS D 184 -2.20 21.06 4.73
CA LYS D 184 -3.27 21.75 4.01
C LYS D 184 -4.63 21.20 4.38
N THR D 185 -4.75 19.88 4.52
CA THR D 185 -6.00 19.24 4.88
C THR D 185 -6.02 18.92 6.37
N GLN D 186 -7.08 18.24 6.80
CA GLN D 186 -7.22 17.81 8.19
C GLN D 186 -6.77 16.37 8.40
N SER D 187 -6.00 15.82 7.45
CA SER D 187 -5.46 14.47 7.57
C SER D 187 -4.13 14.44 8.32
N GLY D 188 -3.28 15.44 8.11
CA GLY D 188 -2.02 15.51 8.84
C GLY D 188 -2.19 15.78 10.33
N VAL D 189 -3.36 16.26 10.74
CA VAL D 189 -3.64 16.51 12.14
C VAL D 189 -4.05 15.20 12.81
N ARG D 190 -3.39 14.86 13.92
CA ARG D 190 -3.75 13.67 14.68
C ARG D 190 -3.67 13.99 16.17
N LYS D 191 -4.20 13.09 16.98
CA LYS D 191 -4.27 13.27 18.42
C LYS D 191 -3.72 12.03 19.12
N ILE D 192 -2.65 12.20 19.87
CA ILE D 192 -1.89 11.12 20.48
C ILE D 192 -2.16 11.14 21.97
N PRO D 193 -2.62 10.03 22.57
CA PRO D 193 -2.87 10.02 24.01
C PRO D 193 -1.59 9.89 24.82
N MET D 194 -1.64 10.41 26.05
CA MET D 194 -0.51 10.38 26.96
C MET D 194 -0.64 9.20 27.92
N ASN D 195 0.39 8.36 27.95
CA ASN D 195 0.47 7.37 29.02
C ASN D 195 1.01 8.02 30.28
N GLU D 196 1.01 7.27 31.38
CA GLU D 196 1.38 7.86 32.68
C GLU D 196 2.75 8.51 32.64
N GLU D 197 3.72 7.88 31.97
CA GLU D 197 5.08 8.43 31.95
C GLU D 197 5.18 9.64 31.06
N VAL D 198 4.40 9.70 29.98
CA VAL D 198 4.39 10.89 29.12
C VAL D 198 3.67 12.03 29.83
N TYR D 199 2.52 11.74 30.44
CA TYR D 199 1.78 12.76 31.20
C TYR D 199 2.66 13.36 32.29
N GLN D 200 3.35 12.51 33.06
CA GLN D 200 4.23 13.03 34.10
C GLN D 200 5.39 13.83 33.50
N ALA D 201 5.80 13.50 32.28
CA ALA D 201 6.90 14.21 31.64
C ALA D 201 6.49 15.62 31.24
N PHE D 202 5.33 15.75 30.61
CA PHE D 202 4.86 17.09 30.23
C PHE D 202 4.67 17.97 31.46
N GLN D 203 4.19 17.40 32.55
CA GLN D 203 4.04 18.16 33.78
C GLN D 203 5.38 18.74 34.21
N ARG D 204 6.43 17.91 34.23
CA ARG D 204 7.75 18.38 34.64
C ARG D 204 8.28 19.44 33.69
N VAL D 205 8.04 19.27 32.38
CA VAL D 205 8.57 20.22 31.40
C VAL D 205 7.90 21.57 31.54
N ILE D 206 6.63 21.60 31.92
CA ILE D 206 5.92 22.87 32.06
C ILE D 206 6.30 23.55 33.37
N LYS D 207 6.45 22.77 34.45
CA LYS D 207 6.86 23.37 35.71
C LYS D 207 8.25 23.97 35.63
N ASN D 208 9.17 23.29 34.95
CA ASN D 208 10.56 23.71 34.91
C ASN D 208 10.87 24.70 33.78
N ARG D 209 9.87 25.09 32.99
CA ARG D 209 10.11 26.05 31.92
C ARG D 209 10.54 27.39 32.51
N LYS D 210 11.61 27.97 31.96
CA LYS D 210 12.16 29.20 32.50
C LYS D 210 12.90 29.96 31.40
N GLY D 211 12.84 31.28 31.48
CA GLY D 211 13.65 32.13 30.62
C GLY D 211 13.18 32.27 29.20
N ALA D 212 11.88 32.24 28.96
CA ALA D 212 11.35 32.29 27.59
C ALA D 212 11.42 33.71 27.06
N LYS D 213 12.09 33.89 25.92
CA LYS D 213 12.12 35.20 25.27
C LYS D 213 10.76 35.49 24.63
N PRO D 214 10.48 36.76 24.35
CA PRO D 214 9.26 37.09 23.60
C PRO D 214 9.33 36.48 22.21
N PHE D 215 8.37 35.62 21.89
CA PHE D 215 8.43 34.84 20.66
C PHE D 215 7.01 34.51 20.22
N ILE D 216 6.66 34.91 19.01
CA ILE D 216 5.44 34.42 18.38
C ILE D 216 5.69 34.36 16.87
N ILE D 217 5.26 33.26 16.26
CA ILE D 217 5.44 33.02 14.84
C ILE D 217 4.19 32.33 14.30
N ASP D 218 3.61 32.91 13.24
CA ASP D 218 2.42 32.36 12.59
C ASP D 218 1.32 32.04 13.60
N GLY D 219 1.24 32.85 14.66
CA GLY D 219 0.20 32.71 15.66
C GLY D 219 0.53 31.81 16.82
N TYR D 220 1.70 31.16 16.82
CA TYR D 220 2.06 30.19 17.84
C TYR D 220 3.05 30.79 18.83
N ALA D 221 2.77 30.62 20.12
CA ALA D 221 3.66 31.09 21.18
C ALA D 221 3.61 30.13 22.36
N ASN D 222 4.54 30.33 23.29
CA ASN D 222 4.60 29.55 24.53
C ASN D 222 4.97 28.09 24.25
N PHE D 223 6.04 27.91 23.49
CA PHE D 223 6.55 26.58 23.21
C PHE D 223 7.09 25.92 24.47
N LEU D 224 6.94 24.60 24.54
CA LEU D 224 7.34 23.87 25.73
C LEU D 224 8.85 23.70 25.84
N PHE D 225 9.55 23.57 24.71
CA PHE D 225 10.94 23.13 24.70
C PHE D 225 11.82 24.25 24.17
N LEU D 226 12.71 24.75 25.02
CA LEU D 226 13.51 25.93 24.71
C LEU D 226 15.00 25.63 24.87
N LYS D 227 15.79 26.28 24.03
CA LYS D 227 17.24 26.30 24.20
C LYS D 227 17.62 27.17 25.40
N GLN D 228 18.87 27.02 25.83
CA GLN D 228 19.37 27.88 26.91
C GLN D 228 19.24 29.37 26.55
N ASN D 229 19.20 29.70 25.26
CA ASN D 229 19.15 31.09 24.83
C ASN D 229 17.73 31.67 24.83
N GLY D 230 16.77 30.95 25.42
CA GLY D 230 15.42 31.46 25.58
C GLY D 230 14.50 31.25 24.40
N TYR D 231 15.03 30.78 23.28
CA TYR D 231 14.20 30.50 22.12
C TYR D 231 13.95 29.01 21.98
N PRO D 232 12.97 28.60 21.19
CA PRO D 232 12.60 27.18 21.14
C PRO D 232 13.67 26.30 20.49
N MET D 233 13.66 25.03 20.89
CA MET D 233 14.52 24.02 20.30
C MET D 233 14.18 23.79 18.84
N THR D 234 15.17 23.41 18.05
CA THR D 234 14.99 23.01 16.66
C THR D 234 15.51 21.60 16.45
N ALA D 235 15.15 21.03 15.30
CA ALA D 235 15.60 19.68 14.95
C ALA D 235 17.12 19.55 15.03
N VAL D 236 17.85 20.51 14.46
CA VAL D 236 19.30 20.48 14.51
C VAL D 236 19.79 20.46 15.94
N ASP D 237 19.23 21.33 16.80
CA ASP D 237 19.68 21.40 18.18
C ASP D 237 19.58 20.06 18.88
N TYR D 238 18.50 19.31 18.63
CA TYR D 238 18.36 17.98 19.22
C TYR D 238 19.29 16.97 18.56
N GLY D 239 19.49 17.08 17.25
CA GLY D 239 20.44 16.20 16.59
C GLY D 239 21.79 16.30 17.26
N GLY D 240 22.34 17.51 17.31
CA GLY D 240 23.63 17.70 17.96
C GLY D 240 23.65 17.18 19.39
N MET D 241 22.60 17.45 20.15
CA MET D 241 22.54 16.96 21.52
C MET D 241 22.59 15.44 21.58
N PHE D 242 21.85 14.76 20.70
CA PHE D 242 21.86 13.29 20.70
C PHE D 242 23.26 12.75 20.41
N GLY D 243 23.95 13.33 19.43
CA GLY D 243 25.29 12.86 19.12
C GLY D 243 26.21 12.87 20.32
N ARG D 244 26.30 14.02 20.99
CA ARG D 244 27.14 14.09 22.18
C ARG D 244 26.66 13.13 23.26
N LEU D 245 25.35 13.01 23.44
CA LEU D 245 24.81 12.11 24.45
C LEU D 245 25.17 10.66 24.17
N VAL D 246 25.01 10.22 22.91
CA VAL D 246 25.35 8.84 22.58
C VAL D 246 26.85 8.60 22.71
N LYS D 247 27.66 9.56 22.25
CA LYS D 247 29.10 9.45 22.41
C LYS D 247 29.48 9.28 23.88
N LYS D 248 28.85 10.04 24.77
CA LYS D 248 29.14 9.92 26.20
C LYS D 248 28.69 8.57 26.75
N TYR D 249 27.58 8.04 26.23
CA TYR D 249 27.07 6.75 26.70
C TYR D 249 28.01 5.61 26.31
N ASN D 250 28.43 5.58 25.05
CA ASN D 250 29.28 4.49 24.58
C ASN D 250 30.62 4.45 25.29
N LYS D 251 31.07 5.58 25.84
CA LYS D 251 32.36 5.60 26.52
C LYS D 251 32.33 4.79 27.81
N SER D 252 31.16 4.65 28.44
CA SER D 252 31.04 4.00 29.74
C SER D 252 30.19 2.73 29.72
N HIS D 253 29.68 2.33 28.56
CA HIS D 253 28.89 1.11 28.42
C HIS D 253 29.58 0.21 27.41
N GLU D 254 29.74 -1.07 27.77
CA GLU D 254 30.41 -2.01 26.88
C GLU D 254 29.68 -2.13 25.55
N GLU D 255 28.40 -2.50 25.60
CA GLU D 255 27.58 -2.60 24.39
C GLU D 255 27.15 -1.19 23.98
N ALA D 256 27.70 -0.70 22.87
CA ALA D 256 27.31 0.62 22.38
C ALA D 256 25.92 0.58 21.79
N LEU D 257 25.30 1.77 21.70
CA LEU D 257 24.00 1.90 21.06
C LEU D 257 24.14 1.81 19.55
N PRO D 258 23.06 1.49 18.84
CA PRO D 258 23.12 1.44 17.38
C PRO D 258 23.80 2.69 16.81
N LYS D 259 24.45 2.51 15.66
CA LYS D 259 25.18 3.63 15.07
C LYS D 259 24.28 4.81 14.75
N THR D 260 23.00 4.56 14.49
CA THR D 260 22.07 5.57 14.01
C THR D 260 21.06 5.99 15.09
N THR D 261 21.51 6.08 16.34
CA THR D 261 20.65 6.46 17.46
C THR D 261 20.43 7.96 17.44
N THR D 262 19.47 8.39 16.63
CA THR D 262 19.11 9.78 16.47
C THR D 262 17.69 10.01 17.02
N PRO D 263 17.16 11.23 16.95
CA PRO D 263 15.78 11.43 17.43
C PRO D 263 14.76 10.59 16.69
N HIS D 264 14.87 10.44 15.37
CA HIS D 264 13.92 9.61 14.66
C HIS D 264 13.99 8.15 15.13
N ALA D 265 15.17 7.69 15.53
CA ALA D 265 15.27 6.34 16.09
C ALA D 265 14.29 6.13 17.24
N MET D 266 13.93 7.19 17.95
CA MET D 266 12.91 7.07 18.99
C MET D 266 11.54 6.81 18.38
N ARG D 267 11.25 7.46 17.25
CA ARG D 267 10.01 7.20 16.53
C ARG D 267 10.01 5.79 15.96
N HIS D 268 11.16 5.35 15.44
CA HIS D 268 11.27 4.00 14.90
C HIS D 268 11.06 2.96 15.99
N THR D 269 11.69 3.15 17.16
CA THR D 269 11.48 2.22 18.26
C THR D 269 10.01 2.19 18.67
N PHE D 270 9.42 3.36 18.87
CA PHE D 270 8.02 3.45 19.25
C PHE D 270 7.14 2.64 18.29
N CYS D 271 7.41 2.74 16.99
CA CYS D 271 6.59 2.04 16.00
C CYS D 271 6.86 0.55 16.01
N THR D 272 8.12 0.15 16.20
CA THR D 272 8.47 -1.27 16.23
C THR D 272 7.81 -1.97 17.41
N ARG D 273 7.89 -1.38 18.61
CA ARG D 273 7.23 -1.94 19.77
C ARG D 273 5.76 -2.23 19.49
N LEU D 274 5.02 -1.20 19.05
CA LEU D 274 3.59 -1.37 18.84
C LEU D 274 3.29 -2.44 17.81
N ALA D 275 4.04 -2.44 16.69
CA ALA D 275 3.80 -3.42 15.64
C ALA D 275 4.01 -4.84 16.15
N ASN D 276 5.15 -5.09 16.80
CA ASN D 276 5.45 -6.44 17.26
C ASN D 276 4.49 -6.89 18.36
N ALA D 277 3.99 -5.96 19.16
CA ALA D 277 2.94 -6.29 20.13
C ALA D 277 1.61 -6.64 19.48
N GLY D 278 1.51 -6.51 18.15
CA GLY D 278 0.29 -6.81 17.44
C GLY D 278 -0.78 -5.73 17.55
N MET D 279 -0.39 -4.48 17.31
CA MET D 279 -1.35 -3.39 17.31
C MET D 279 -2.09 -3.35 15.98
N ASN D 280 -3.37 -3.03 16.03
CA ASN D 280 -4.15 -2.87 14.82
C ASN D 280 -3.41 -1.93 13.86
N PRO D 281 -3.06 -2.39 12.66
CA PRO D 281 -2.25 -1.54 11.77
C PRO D 281 -2.89 -0.19 11.48
N LYS D 282 -4.21 -0.15 11.25
CA LYS D 282 -4.86 1.12 10.98
C LYS D 282 -4.76 2.06 12.18
N ALA D 283 -4.83 1.50 13.39
CA ALA D 283 -4.69 2.31 14.60
C ALA D 283 -3.28 2.86 14.71
N LEU D 284 -2.27 2.00 14.52
CA LEU D 284 -0.89 2.45 14.55
C LEU D 284 -0.64 3.51 13.49
N GLN D 285 -1.23 3.34 12.31
CA GLN D 285 -1.06 4.33 11.24
C GLN D 285 -1.60 5.69 11.65
N TYR D 286 -2.68 5.71 12.43
CA TYR D 286 -3.21 6.97 12.92
C TYR D 286 -2.24 7.64 13.89
N ILE D 287 -1.77 6.90 14.88
CA ILE D 287 -0.84 7.45 15.87
C ILE D 287 0.40 7.99 15.18
N MET D 288 0.95 7.23 14.24
CA MET D 288 2.20 7.64 13.59
C MET D 288 2.00 8.83 12.68
N GLY D 289 0.80 9.00 12.11
CA GLY D 289 0.55 10.03 11.14
C GLY D 289 0.91 9.67 9.71
N HIS D 290 1.07 8.38 9.41
CA HIS D 290 1.44 7.96 8.07
C HIS D 290 0.30 8.22 7.08
N SER D 291 0.67 8.72 5.89
CA SER D 291 -0.32 8.92 4.84
C SER D 291 -0.67 7.58 4.17
N ASN D 292 0.32 6.92 3.59
CA ASN D 292 0.13 5.61 2.98
C ASN D 292 0.31 4.54 4.03
N ILE D 293 -0.65 3.60 4.12
CA ILE D 293 -0.55 2.54 5.10
C ILE D 293 0.59 1.57 4.80
N THR D 294 1.18 1.65 3.60
CA THR D 294 2.39 0.87 3.34
C THR D 294 3.50 1.27 4.29
N MET D 295 3.63 2.57 4.57
CA MET D 295 4.63 3.03 5.52
C MET D 295 4.50 2.27 6.83
N THR D 296 3.29 2.24 7.40
CA THR D 296 3.11 1.57 8.68
C THR D 296 3.45 0.08 8.58
N LEU D 297 3.10 -0.54 7.45
CA LEU D 297 3.23 -1.99 7.35
C LEU D 297 4.67 -2.44 7.18
N ASN D 298 5.57 -1.56 6.73
CA ASN D 298 6.98 -1.94 6.70
C ASN D 298 7.52 -2.31 8.08
N TYR D 299 6.81 -1.92 9.14
CA TYR D 299 7.25 -2.23 10.50
C TYR D 299 6.81 -3.60 10.98
N TYR D 300 5.99 -4.31 10.21
CA TYR D 300 5.55 -5.66 10.55
C TYR D 300 6.42 -6.68 9.84
N ALA D 301 6.94 -7.64 10.59
CA ALA D 301 7.81 -8.65 10.01
C ALA D 301 7.09 -9.41 8.91
N HIS D 302 7.85 -9.79 7.88
CA HIS D 302 7.32 -10.65 6.83
C HIS D 302 6.77 -11.95 7.41
N ALA D 303 5.70 -12.46 6.81
CA ALA D 303 5.07 -13.69 7.29
C ALA D 303 5.57 -14.89 6.50
N THR D 304 5.63 -16.03 7.19
CA THR D 304 5.99 -17.31 6.60
C THR D 304 4.80 -18.25 6.67
N PHE D 305 4.93 -19.41 6.04
CA PHE D 305 3.85 -20.40 6.13
C PHE D 305 3.59 -20.78 7.58
N ASP D 306 4.65 -21.07 8.33
CA ASP D 306 4.48 -21.42 9.74
C ASP D 306 3.93 -20.24 10.52
N SER D 307 4.44 -19.03 10.23
CA SER D 307 3.86 -17.82 10.80
C SER D 307 2.35 -17.80 10.60
N ALA D 308 1.92 -17.94 9.34
CA ALA D 308 0.50 -17.81 9.02
C ALA D 308 -0.32 -18.94 9.65
N ARG D 309 0.18 -20.17 9.58
CA ARG D 309 -0.58 -21.27 10.15
C ARG D 309 -0.82 -21.07 11.63
N ALA D 310 0.23 -20.69 12.37
CA ALA D 310 0.07 -20.37 13.79
C ALA D 310 -1.07 -19.38 14.00
N GLU D 311 -1.09 -18.29 13.22
CA GLU D 311 -2.15 -17.30 13.34
C GLU D 311 -3.52 -17.94 13.13
N MET D 312 -3.66 -18.75 12.07
CA MET D 312 -4.95 -19.36 11.79
C MET D 312 -5.36 -20.34 12.89
N GLU D 313 -4.41 -21.13 13.39
CA GLU D 313 -4.72 -22.00 14.52
C GLU D 313 -5.05 -21.18 15.77
N ARG D 314 -4.36 -20.06 15.96
CA ARG D 314 -4.65 -19.19 17.09
C ARG D 314 -6.08 -18.65 17.04
N LEU D 315 -6.67 -18.54 15.85
CA LEU D 315 -7.99 -17.98 15.68
C LEU D 315 -9.05 -19.05 15.42
N ALA D 316 -8.80 -20.29 15.84
CA ALA D 316 -9.74 -21.39 15.65
C ALA D 316 -10.23 -21.47 14.20
C1 PEG E . 3.98 -29.11 2.72
O1 PEG E . 3.82 -29.52 4.06
C2 PEG E . 5.01 -27.98 2.63
O2 PEG E . 4.91 -27.12 3.73
C3 PEG E . 5.25 -25.78 3.50
C4 PEG E . 6.74 -25.54 3.71
O4 PEG E . 6.95 -24.17 3.93
H11 PEG E . 4.27 -29.86 2.18
H12 PEG E . 3.12 -28.79 2.38
HO1 PEG E . 4.35 -29.05 4.55
H21 PEG E . 5.89 -28.37 2.60
H22 PEG E . 4.85 -27.48 1.81
H31 PEG E . 5.00 -25.54 2.60
H32 PEG E . 4.76 -25.22 4.12
H41 PEG E . 7.05 -26.05 4.47
H42 PEG E . 7.22 -25.82 2.91
HO4 PEG E . 7.45 -24.07 4.61
C1 PEG F . -11.60 12.97 19.90
O1 PEG F . -11.88 12.76 18.55
C2 PEG F . -10.57 14.09 20.00
O2 PEG F . -10.29 14.39 21.34
C3 PEG F . -10.49 15.74 21.69
C4 PEG F . -9.70 16.08 22.95
O4 PEG F . -9.66 14.97 23.80
H11 PEG F . -12.41 13.23 20.37
H12 PEG F . -11.24 12.16 20.30
HO1 PEG F . -12.69 12.51 18.46
H21 PEG F . -9.75 13.81 19.56
H22 PEG F . -10.92 14.88 19.55
H31 PEG F . -10.19 16.32 20.96
H32 PEG F . -11.43 15.90 21.85
H41 PEG F . -8.80 16.34 22.72
H42 PEG F . -10.13 16.82 23.41
HO4 PEG F . -10.38 14.51 23.71
#